data_8QD8
#
_entry.id   8QD8
#
_cell.length_a   85.800
_cell.length_b   88.850
_cell.length_c   123.050
_cell.angle_alpha   90.00
_cell.angle_beta   90.00
_cell.angle_gamma   90.00
#
_symmetry.space_group_name_H-M   'P 21 21 21'
#
loop_
_entity.id
_entity.type
_entity.pdbx_description
1 polymer 'Yellowish-green 1-like protein'
2 non-polymer 1,2-ETHANEDIOL
3 non-polymer naphthalene-1,3-diol
4 water water
#
_entity_poly.entity_id   1
_entity_poly.type   'polypeptide(L)'
_entity_poly.pdbx_seq_one_letter_code
;MGWSHPQFEKENLYFQGSATEKYYIRDAITKPAVHHESYQKLWETKWKKPCEMGVYPFMFGSIKDFEPVAQEIIKKGLKE
PYDWDEYAQMYFPKAEELAKIAEEAEAAGEKEKASEYYLRSSAVYRISRFPTPRSEKQKYAWRKGCEVFYKGAALMEYPI
KEVRIPHKHGIEGEGDVVPVNFLLPPNASETSPVPCVLIITGLDGYRTELAVWQQGWRSKGVATVIAEIPGTGDSPALRQ
DPTSPDRQWSSVLDWIESQKAVDSKKIVAWGFSTGGYYALRMAHTHKDRLLATISLGGGAHHMFDREWLEHANKLEYPFD
LSNTLAYKFGYPDLESFIEESSKFSLLNDGTLQKPCTKVLLVNGNDDEIFPIDDMFVSLENGQPKLARMVKGKKHMGEPE
SFSIILEWIHKLLGLDGKIKEQLAMIPSRTK
;
_entity_poly.pdbx_strand_id   A,B
#
loop_
_chem_comp.id
_chem_comp.type
_chem_comp.name
_chem_comp.formula
EDO non-polymer 1,2-ETHANEDIOL 'C2 H6 O2'
QPI non-polymer naphthalene-1,3-diol 'C10 H8 O2'
#
# COMPACT_ATOMS: atom_id res chain seq x y z
N SER A 18 -18.44 -18.65 7.26
CA SER A 18 -19.15 -17.89 8.34
C SER A 18 -18.78 -16.41 8.27
N ALA A 19 -19.77 -15.53 8.44
CA ALA A 19 -19.65 -14.06 8.31
C ALA A 19 -18.73 -13.49 9.40
N THR A 20 -18.78 -14.05 10.61
CA THR A 20 -18.02 -13.59 11.81
C THR A 20 -16.51 -13.81 11.62
N GLU A 21 -16.10 -14.67 10.68
CA GLU A 21 -14.67 -15.02 10.44
C GLU A 21 -14.23 -14.55 9.04
N LYS A 22 -15.11 -13.88 8.28
CA LYS A 22 -14.88 -13.54 6.85
C LYS A 22 -13.97 -12.31 6.74
N TYR A 23 -14.23 -11.26 7.52
CA TYR A 23 -13.63 -9.91 7.35
C TYR A 23 -12.61 -9.63 8.46
N TYR A 24 -11.75 -8.64 8.24
CA TYR A 24 -10.67 -8.20 9.15
C TYR A 24 -11.22 -7.95 10.56
N ILE A 25 -12.39 -7.31 10.68
CA ILE A 25 -12.97 -6.90 11.99
C ILE A 25 -13.64 -8.09 12.69
N ARG A 26 -13.72 -9.26 12.02
CA ARG A 26 -14.16 -10.54 12.63
C ARG A 26 -15.58 -10.35 13.18
N ASP A 27 -15.82 -10.69 14.46
CA ASP A 27 -17.18 -10.77 15.05
C ASP A 27 -17.70 -9.37 15.44
N ALA A 28 -16.95 -8.31 15.16
CA ALA A 28 -17.39 -6.90 15.36
C ALA A 28 -18.66 -6.63 14.53
N ILE A 29 -18.85 -7.36 13.42
CA ILE A 29 -20.00 -7.17 12.49
C ILE A 29 -21.32 -7.60 13.14
N THR A 30 -21.28 -8.37 14.25
CA THR A 30 -22.47 -8.93 14.92
C THR A 30 -22.90 -8.10 16.13
N LYS A 31 -22.12 -7.06 16.49
CA LYS A 31 -22.39 -6.20 17.68
C LYS A 31 -23.15 -4.96 17.22
N PRO A 32 -24.47 -4.87 17.51
CA PRO A 32 -25.27 -3.71 17.07
C PRO A 32 -24.89 -2.44 17.86
N ALA A 33 -24.65 -1.33 17.14
CA ALA A 33 -24.27 -0.02 17.71
C ALA A 33 -25.48 0.60 18.43
N VAL A 34 -25.23 1.23 19.57
CA VAL A 34 -26.30 1.73 20.50
C VAL A 34 -27.15 2.80 19.83
N HIS A 35 -26.58 3.58 18.89
CA HIS A 35 -27.26 4.75 18.28
C HIS A 35 -28.47 4.34 17.42
N HIS A 36 -28.62 3.05 17.10
CA HIS A 36 -29.78 2.51 16.33
C HIS A 36 -31.01 2.34 17.23
N GLU A 37 -30.83 2.39 18.56
CA GLU A 37 -31.94 2.19 19.53
C GLU A 37 -32.94 3.36 19.42
N SER A 38 -32.46 4.59 19.30
CA SER A 38 -33.28 5.82 19.30
C SER A 38 -32.46 7.01 18.77
N TYR A 39 -33.15 8.08 18.37
CA TYR A 39 -32.50 9.38 18.03
C TYR A 39 -31.75 9.89 19.26
N GLN A 40 -32.32 9.70 20.44
CA GLN A 40 -31.69 10.11 21.73
C GLN A 40 -30.29 9.53 21.81
N LYS A 41 -30.14 8.22 21.54
CA LYS A 41 -28.84 7.50 21.56
C LYS A 41 -27.95 8.01 20.41
N LEU A 42 -28.51 8.28 19.23
CA LEU A 42 -27.75 8.86 18.09
C LEU A 42 -27.16 10.21 18.53
N TRP A 43 -27.99 11.09 19.10
CA TRP A 43 -27.57 12.44 19.54
C TRP A 43 -26.53 12.31 20.65
N GLU A 44 -26.85 11.57 21.71
CA GLU A 44 -26.00 11.52 22.94
C GLU A 44 -24.67 10.82 22.65
N THR A 45 -24.65 9.72 21.89
CA THR A 45 -23.46 8.83 21.76
C THR A 45 -22.66 9.10 20.47
N LYS A 46 -23.17 9.89 19.51
CA LYS A 46 -22.52 10.00 18.18
C LYS A 46 -22.55 11.43 17.61
N TRP A 47 -23.67 12.16 17.68
CA TRP A 47 -23.87 13.40 16.89
C TRP A 47 -23.63 14.67 17.71
N LYS A 48 -23.92 14.68 19.01
CA LYS A 48 -23.80 15.91 19.84
C LYS A 48 -22.36 16.45 19.77
N LYS A 49 -21.35 15.57 19.89
CA LYS A 49 -19.92 15.94 19.95
C LYS A 49 -19.48 16.60 18.64
N PRO A 50 -19.63 15.95 17.45
CA PRO A 50 -19.25 16.60 16.19
C PRO A 50 -20.04 17.88 15.90
N CYS A 51 -21.29 17.96 16.37
CA CYS A 51 -22.13 19.19 16.26
C CYS A 51 -21.48 20.34 17.06
N GLU A 52 -21.09 20.08 18.31
CA GLU A 52 -20.38 21.05 19.19
C GLU A 52 -19.06 21.50 18.53
N MET A 53 -18.35 20.56 17.87
CA MET A 53 -17.02 20.78 17.26
C MET A 53 -17.16 21.44 15.88
N GLY A 54 -18.39 21.47 15.34
CA GLY A 54 -18.70 22.06 14.02
C GLY A 54 -18.07 21.27 12.87
N VAL A 55 -18.02 19.95 13.00
CA VAL A 55 -17.41 19.05 11.96
C VAL A 55 -18.48 18.07 11.46
N TYR A 56 -18.18 17.38 10.36
CA TYR A 56 -19.09 16.44 9.66
C TYR A 56 -19.85 15.60 10.68
N PRO A 57 -21.18 15.40 10.54
CA PRO A 57 -21.95 15.97 9.45
C PRO A 57 -22.52 17.39 9.66
N PHE A 58 -21.88 18.19 10.53
CA PHE A 58 -22.40 19.50 11.01
C PHE A 58 -21.51 20.66 10.56
N MET A 59 -20.77 20.52 9.46
CA MET A 59 -19.99 21.65 8.87
C MET A 59 -20.93 22.82 8.60
N PHE A 60 -20.45 24.05 8.80
CA PHE A 60 -21.19 25.34 8.65
C PHE A 60 -22.27 25.50 9.72
N GLY A 61 -22.47 24.49 10.57
CA GLY A 61 -23.60 24.43 11.53
C GLY A 61 -23.20 24.93 12.91
N SER A 62 -24.19 25.06 13.81
CA SER A 62 -24.00 25.50 15.21
C SER A 62 -24.83 24.61 16.14
N ILE A 63 -24.25 24.19 17.28
CA ILE A 63 -24.95 23.47 18.37
C ILE A 63 -26.15 24.29 18.86
N LYS A 64 -26.07 25.62 18.73
CA LYS A 64 -27.16 26.56 19.13
C LYS A 64 -28.42 26.30 18.29
N ASP A 65 -28.25 25.82 17.05
CA ASP A 65 -29.37 25.55 16.11
C ASP A 65 -29.90 24.13 16.33
N PHE A 66 -29.00 23.16 16.49
CA PHE A 66 -29.32 21.70 16.47
C PHE A 66 -29.83 21.21 17.83
N GLU A 67 -29.26 21.70 18.94
CA GLU A 67 -29.60 21.19 20.29
C GLU A 67 -31.10 21.34 20.54
N PRO A 68 -31.72 22.52 20.28
CA PRO A 68 -33.16 22.69 20.46
C PRO A 68 -33.99 21.72 19.60
N VAL A 69 -33.53 21.46 18.37
CA VAL A 69 -34.22 20.51 17.44
C VAL A 69 -34.11 19.10 18.01
N ALA A 70 -32.89 18.68 18.39
CA ALA A 70 -32.60 17.36 19.00
C ALA A 70 -33.49 17.15 20.23
N GLN A 71 -33.62 18.18 21.08
CA GLN A 71 -34.47 18.13 22.30
C GLN A 71 -35.91 17.80 21.92
N GLU A 72 -36.43 18.42 20.85
CA GLU A 72 -37.84 18.22 20.39
C GLU A 72 -38.00 16.80 19.81
N ILE A 73 -37.02 16.32 19.05
CA ILE A 73 -37.05 14.96 18.44
C ILE A 73 -37.04 13.90 19.55
N ILE A 74 -36.21 14.11 20.58
CA ILE A 74 -36.04 13.19 21.74
C ILE A 74 -37.34 13.14 22.54
N LYS A 75 -38.01 14.29 22.74
CA LYS A 75 -39.32 14.38 23.44
C LYS A 75 -40.37 13.55 22.67
N LYS A 76 -40.32 13.55 21.33
CA LYS A 76 -41.25 12.79 20.45
C LYS A 76 -40.91 11.31 20.46
N GLY A 77 -39.66 10.96 20.82
CA GLY A 77 -39.19 9.56 20.94
C GLY A 77 -38.97 8.93 19.57
N LEU A 78 -38.60 9.71 18.56
CA LEU A 78 -38.36 9.19 17.18
C LEU A 78 -37.20 8.18 17.23
N LYS A 79 -37.31 7.12 16.42
CA LYS A 79 -36.35 5.99 16.39
C LYS A 79 -36.59 5.16 15.11
N GLU A 80 -35.65 4.29 14.76
CA GLU A 80 -35.77 3.33 13.63
C GLU A 80 -36.94 2.39 13.92
N PRO A 81 -37.82 2.07 12.94
CA PRO A 81 -37.76 2.66 11.60
C PRO A 81 -38.35 4.08 11.56
N TYR A 82 -37.59 5.03 10.99
CA TYR A 82 -37.97 6.45 10.89
C TYR A 82 -39.03 6.64 9.80
N ASP A 83 -40.01 7.50 10.08
CA ASP A 83 -40.90 8.14 9.07
C ASP A 83 -40.19 9.42 8.62
N TRP A 84 -39.64 9.42 7.40
CA TRP A 84 -38.67 10.45 6.96
C TRP A 84 -39.36 11.81 6.78
N ASP A 85 -40.66 11.83 6.45
CA ASP A 85 -41.47 13.08 6.38
C ASP A 85 -41.64 13.66 7.79
N GLU A 86 -42.04 12.81 8.75
CA GLU A 86 -42.17 13.16 10.19
C GLU A 86 -40.81 13.67 10.70
N TYR A 87 -39.74 12.94 10.39
CA TYR A 87 -38.35 13.24 10.81
C TYR A 87 -37.92 14.60 10.26
N ALA A 88 -38.01 14.79 8.94
CA ALA A 88 -37.51 15.99 8.22
C ALA A 88 -38.20 17.24 8.79
N GLN A 89 -39.52 17.18 8.97
CA GLN A 89 -40.37 18.33 9.40
C GLN A 89 -39.85 18.92 10.73
N MET A 90 -39.22 18.11 11.58
CA MET A 90 -38.73 18.53 12.93
C MET A 90 -37.66 19.63 12.78
N TYR A 91 -36.97 19.69 11.64
CA TYR A 91 -35.80 20.58 11.39
C TYR A 91 -36.23 21.89 10.71
N PHE A 92 -37.41 21.92 10.09
CA PHE A 92 -37.81 23.00 9.15
C PHE A 92 -37.98 24.34 9.88
N PRO A 93 -38.70 24.42 11.03
CA PRO A 93 -38.84 25.68 11.75
C PRO A 93 -37.48 26.37 12.00
N LYS A 94 -36.48 25.62 12.47
CA LYS A 94 -35.12 26.16 12.77
C LYS A 94 -34.45 26.62 11.47
N ALA A 95 -34.48 25.77 10.43
CA ALA A 95 -33.91 26.06 9.09
C ALA A 95 -34.47 27.39 8.57
N GLU A 96 -35.79 27.58 8.67
CA GLU A 96 -36.51 28.78 8.17
C GLU A 96 -36.11 30.01 9.01
N GLU A 97 -36.05 29.87 10.33
CA GLU A 97 -35.63 30.93 11.29
C GLU A 97 -34.27 31.49 10.85
N LEU A 98 -33.30 30.62 10.61
CA LEU A 98 -31.90 30.98 10.26
C LEU A 98 -31.86 31.70 8.90
N ALA A 99 -32.63 31.19 7.93
CA ALA A 99 -32.75 31.77 6.57
C ALA A 99 -33.28 33.20 6.64
N LYS A 100 -34.25 33.47 7.51
CA LYS A 100 -34.88 34.81 7.68
C LYS A 100 -33.87 35.78 8.31
N ILE A 101 -33.08 35.31 9.29
CA ILE A 101 -32.00 36.10 9.94
C ILE A 101 -30.96 36.49 8.88
N ALA A 102 -30.59 35.55 8.00
CA ALA A 102 -29.62 35.75 6.89
C ALA A 102 -30.15 36.81 5.92
N GLU A 103 -31.42 36.72 5.55
CA GLU A 103 -32.10 37.64 4.60
C GLU A 103 -32.08 39.07 5.14
N GLU A 104 -32.31 39.23 6.45
CA GLU A 104 -32.32 40.56 7.14
C GLU A 104 -30.90 41.14 7.16
N ALA A 105 -29.89 40.31 7.42
CA ALA A 105 -28.47 40.70 7.50
C ALA A 105 -28.00 41.18 6.11
N GLU A 106 -28.34 40.45 5.05
CA GLU A 106 -27.99 40.79 3.65
C GLU A 106 -28.58 42.16 3.29
N ALA A 107 -29.84 42.40 3.63
CA ALA A 107 -30.58 43.67 3.37
C ALA A 107 -29.89 44.85 4.07
N ALA A 108 -29.28 44.61 5.23
CA ALA A 108 -28.62 45.64 6.07
C ALA A 108 -27.15 45.85 5.63
N GLY A 109 -26.65 45.02 4.71
CA GLY A 109 -25.27 45.07 4.20
C GLY A 109 -24.30 44.29 5.08
N GLU A 110 -24.83 43.52 6.04
CA GLU A 110 -24.04 42.63 6.94
C GLU A 110 -23.70 41.36 6.16
N LYS A 111 -22.71 41.44 5.26
CA LYS A 111 -22.32 40.37 4.31
C LYS A 111 -21.86 39.12 5.08
N GLU A 112 -20.94 39.29 6.02
CA GLU A 112 -20.32 38.19 6.80
C GLU A 112 -21.40 37.45 7.61
N LYS A 113 -22.31 38.20 8.24
CA LYS A 113 -23.40 37.65 9.08
C LYS A 113 -24.42 36.91 8.20
N ALA A 114 -24.81 37.50 7.07
CA ALA A 114 -25.74 36.90 6.08
C ALA A 114 -25.19 35.54 5.63
N SER A 115 -23.91 35.51 5.23
CA SER A 115 -23.20 34.29 4.77
C SER A 115 -23.30 33.20 5.85
N GLU A 116 -22.94 33.55 7.09
CA GLU A 116 -22.94 32.60 8.25
C GLU A 116 -24.32 31.96 8.38
N TYR A 117 -25.40 32.75 8.41
CA TYR A 117 -26.76 32.27 8.76
C TYR A 117 -27.38 31.49 7.59
N TYR A 118 -27.09 31.86 6.34
CA TYR A 118 -27.49 31.09 5.14
C TYR A 118 -26.89 29.68 5.24
N LEU A 119 -25.59 29.59 5.59
CA LEU A 119 -24.86 28.31 5.69
C LEU A 119 -25.34 27.52 6.91
N ARG A 120 -25.66 28.19 8.02
CA ARG A 120 -26.26 27.53 9.22
C ARG A 120 -27.62 26.94 8.84
N SER A 121 -28.42 27.68 8.07
CA SER A 121 -29.71 27.21 7.50
C SER A 121 -29.47 25.96 6.64
N SER A 122 -28.47 26.00 5.75
CA SER A 122 -28.13 24.89 4.82
C SER A 122 -27.82 23.63 5.62
N ALA A 123 -27.14 23.77 6.76
CA ALA A 123 -26.72 22.63 7.63
C ALA A 123 -27.97 21.96 8.22
N VAL A 124 -28.96 22.74 8.64
CA VAL A 124 -30.20 22.21 9.29
C VAL A 124 -31.03 21.46 8.24
N TYR A 125 -31.24 22.06 7.05
CA TYR A 125 -31.89 21.39 5.90
C TYR A 125 -31.15 20.08 5.59
N ARG A 126 -29.82 20.11 5.59
CA ARG A 126 -28.96 18.94 5.25
C ARG A 126 -29.31 17.75 6.15
N ILE A 127 -29.27 17.93 7.46
CA ILE A 127 -29.45 16.81 8.43
C ILE A 127 -30.89 16.28 8.32
N SER A 128 -31.85 17.13 7.97
CA SER A 128 -33.28 16.75 7.77
C SER A 128 -33.41 15.73 6.64
N ARG A 129 -32.48 15.72 5.67
CA ARG A 129 -32.55 14.79 4.50
C ARG A 129 -31.40 13.77 4.55
N PHE A 130 -30.72 13.62 5.68
CA PHE A 130 -29.83 12.44 5.96
C PHE A 130 -30.72 11.23 6.23
N PRO A 131 -30.30 10.00 5.89
CA PRO A 131 -29.03 9.73 5.23
C PRO A 131 -29.02 10.04 3.72
N THR A 132 -30.16 9.87 3.05
CA THR A 132 -30.38 10.30 1.64
C THR A 132 -31.85 10.63 1.46
N PRO A 133 -32.23 11.58 0.57
CA PRO A 133 -33.64 11.95 0.43
C PRO A 133 -34.47 10.76 -0.09
N ARG A 134 -35.32 10.19 0.77
CA ARG A 134 -36.18 9.02 0.46
C ARG A 134 -37.65 9.33 0.76
N SER A 135 -38.00 10.62 0.90
CA SER A 135 -39.40 11.09 1.07
C SER A 135 -39.53 12.48 0.42
N GLU A 136 -40.77 12.93 0.19
CA GLU A 136 -41.05 14.24 -0.49
C GLU A 136 -40.45 15.38 0.34
N LYS A 137 -40.58 15.36 1.66
CA LYS A 137 -40.08 16.46 2.54
C LYS A 137 -38.54 16.46 2.53
N GLN A 138 -37.90 15.29 2.46
CA GLN A 138 -36.42 15.19 2.36
C GLN A 138 -35.95 15.72 1.00
N LYS A 139 -36.68 15.40 -0.09
CA LYS A 139 -36.36 15.91 -1.45
C LYS A 139 -36.51 17.44 -1.46
N TYR A 140 -37.56 17.95 -0.81
CA TYR A 140 -37.78 19.41 -0.57
C TYR A 140 -36.58 20.01 0.17
N ALA A 141 -36.12 19.35 1.23
CA ALA A 141 -35.01 19.83 2.10
C ALA A 141 -33.71 19.92 1.28
N TRP A 142 -33.51 18.98 0.35
CA TRP A 142 -32.33 19.00 -0.56
C TRP A 142 -32.35 20.29 -1.41
N ARG A 143 -33.47 20.58 -2.05
N ARG A 143 -33.48 20.56 -2.06
CA ARG A 143 -33.63 21.79 -2.92
CA ARG A 143 -33.69 21.77 -2.90
C ARG A 143 -33.49 23.05 -2.06
C ARG A 143 -33.47 23.02 -2.05
N LYS A 144 -34.13 23.10 -0.89
CA LYS A 144 -34.08 24.27 0.03
C LYS A 144 -32.64 24.44 0.56
N GLY A 145 -32.01 23.35 1.00
CA GLY A 145 -30.62 23.32 1.49
C GLY A 145 -29.66 23.90 0.47
N CYS A 146 -29.79 23.51 -0.81
CA CYS A 146 -28.91 23.98 -1.91
C CYS A 146 -29.12 25.48 -2.15
N GLU A 147 -30.37 25.94 -2.09
CA GLU A 147 -30.75 27.36 -2.32
C GLU A 147 -30.03 28.25 -1.29
N VAL A 148 -30.17 27.94 0.00
CA VAL A 148 -29.57 28.76 1.09
C VAL A 148 -28.04 28.57 1.08
N PHE A 149 -27.55 27.37 0.77
CA PHE A 149 -26.08 27.14 0.68
C PHE A 149 -25.47 28.13 -0.30
N TYR A 150 -26.00 28.20 -1.53
CA TYR A 150 -25.43 29.04 -2.61
C TYR A 150 -25.64 30.54 -2.30
N LYS A 151 -26.71 30.91 -1.61
CA LYS A 151 -26.91 32.29 -1.12
C LYS A 151 -25.77 32.64 -0.14
N GLY A 152 -25.46 31.72 0.78
CA GLY A 152 -24.34 31.88 1.74
C GLY A 152 -23.00 31.86 1.03
N ALA A 153 -22.81 30.94 0.09
CA ALA A 153 -21.57 30.76 -0.68
C ALA A 153 -21.26 32.03 -1.48
N ALA A 154 -22.29 32.69 -2.03
CA ALA A 154 -22.18 33.90 -2.87
C ALA A 154 -21.63 35.07 -2.04
N LEU A 155 -21.85 35.05 -0.72
CA LEU A 155 -21.50 36.16 0.21
C LEU A 155 -20.21 35.84 0.97
N MET A 156 -19.52 34.73 0.65
CA MET A 156 -18.15 34.46 1.15
C MET A 156 -17.20 35.51 0.55
N GLU A 157 -16.10 35.81 1.26
CA GLU A 157 -15.04 36.74 0.79
C GLU A 157 -14.58 36.32 -0.61
N TYR A 158 -14.31 35.02 -0.77
CA TYR A 158 -14.01 34.36 -2.07
C TYR A 158 -15.19 33.45 -2.42
N PRO A 159 -16.19 33.96 -3.16
CA PRO A 159 -17.46 33.25 -3.32
C PRO A 159 -17.30 31.90 -4.05
N ILE A 160 -17.94 30.87 -3.51
CA ILE A 160 -18.10 29.54 -4.16
C ILE A 160 -19.35 29.62 -5.04
N LYS A 161 -19.25 29.19 -6.30
CA LYS A 161 -20.37 29.28 -7.27
C LYS A 161 -20.78 27.87 -7.73
N GLU A 162 -22.04 27.73 -8.11
CA GLU A 162 -22.57 26.53 -8.82
C GLU A 162 -22.22 26.67 -10.29
N VAL A 163 -21.69 25.59 -10.89
CA VAL A 163 -21.52 25.45 -12.36
C VAL A 163 -22.33 24.25 -12.81
N ARG A 164 -23.27 24.46 -13.73
CA ARG A 164 -24.07 23.38 -14.34
C ARG A 164 -23.32 22.89 -15.58
N ILE A 165 -22.36 21.98 -15.38
CA ILE A 165 -21.48 21.46 -16.47
C ILE A 165 -22.36 20.69 -17.44
N PRO A 166 -22.36 21.04 -18.75
CA PRO A 166 -23.08 20.25 -19.75
C PRO A 166 -22.60 18.79 -19.69
N HIS A 167 -23.55 17.86 -19.51
CA HIS A 167 -23.27 16.40 -19.51
C HIS A 167 -23.26 15.91 -20.97
N LYS A 168 -22.25 16.31 -21.73
CA LYS A 168 -22.11 16.02 -23.18
C LYS A 168 -21.94 14.51 -23.41
N HIS A 169 -21.40 13.79 -22.41
CA HIS A 169 -21.12 12.34 -22.47
C HIS A 169 -22.32 11.53 -21.95
N GLY A 170 -23.40 12.20 -21.53
CA GLY A 170 -24.61 11.51 -21.05
C GLY A 170 -25.29 10.70 -22.15
N ILE A 171 -26.00 9.64 -21.78
CA ILE A 171 -26.79 8.79 -22.72
C ILE A 171 -28.27 8.88 -22.33
N GLU A 172 -29.13 8.12 -23.00
CA GLU A 172 -30.59 8.12 -22.78
C GLU A 172 -30.89 7.86 -21.30
N GLY A 173 -31.77 8.67 -20.70
CA GLY A 173 -32.23 8.51 -19.32
C GLY A 173 -31.41 9.33 -18.32
N GLU A 174 -30.32 9.95 -18.77
CA GLU A 174 -29.41 10.73 -17.89
C GLU A 174 -29.74 12.22 -17.97
N GLY A 175 -29.45 12.94 -16.88
CA GLY A 175 -29.62 14.40 -16.77
C GLY A 175 -28.74 15.13 -17.76
N ASP A 176 -29.07 16.40 -18.05
CA ASP A 176 -28.38 17.20 -19.09
C ASP A 176 -27.17 17.93 -18.50
N VAL A 177 -27.05 18.02 -17.16
CA VAL A 177 -25.94 18.77 -16.50
C VAL A 177 -25.37 17.99 -15.31
N VAL A 178 -24.10 18.23 -15.01
CA VAL A 178 -23.42 17.82 -13.74
C VAL A 178 -23.24 19.09 -12.91
N PRO A 179 -24.14 19.39 -11.96
CA PRO A 179 -23.97 20.55 -11.08
C PRO A 179 -22.81 20.33 -10.11
N VAL A 180 -21.87 21.28 -10.08
CA VAL A 180 -20.65 21.20 -9.22
C VAL A 180 -20.48 22.54 -8.50
N ASN A 181 -19.80 22.51 -7.34
CA ASN A 181 -19.20 23.72 -6.74
C ASN A 181 -17.90 24.02 -7.48
N PHE A 182 -17.58 25.30 -7.64
CA PHE A 182 -16.31 25.75 -8.26
C PHE A 182 -15.75 26.91 -7.44
N LEU A 183 -14.47 26.84 -7.09
CA LEU A 183 -13.72 27.96 -6.49
C LEU A 183 -12.35 28.04 -7.16
N LEU A 184 -12.05 29.21 -7.73
CA LEU A 184 -10.76 29.51 -8.41
C LEU A 184 -10.02 30.53 -7.57
N PRO A 185 -8.75 30.27 -7.18
CA PRO A 185 -7.99 31.21 -6.38
C PRO A 185 -7.81 32.53 -7.13
N PRO A 186 -7.62 33.66 -6.41
CA PRO A 186 -7.34 34.94 -7.04
C PRO A 186 -6.00 34.89 -7.78
N ASN A 187 -5.92 35.55 -8.94
CA ASN A 187 -4.70 35.71 -9.77
C ASN A 187 -4.43 34.43 -10.58
N ALA A 188 -5.27 33.40 -10.47
CA ALA A 188 -5.22 32.22 -11.36
C ALA A 188 -5.57 32.68 -12.78
N SER A 189 -4.76 32.29 -13.77
CA SER A 189 -4.90 32.70 -15.18
C SER A 189 -4.31 31.62 -16.09
N GLU A 190 -4.54 31.71 -17.39
CA GLU A 190 -3.90 30.83 -18.39
C GLU A 190 -2.39 30.98 -18.28
N THR A 191 -1.90 32.19 -17.98
CA THR A 191 -0.46 32.52 -17.82
C THR A 191 0.10 31.86 -16.56
N SER A 192 -0.64 31.92 -15.45
CA SER A 192 -0.26 31.35 -14.13
C SER A 192 -1.36 30.40 -13.66
N PRO A 193 -1.52 29.22 -14.30
CA PRO A 193 -2.59 28.30 -13.95
C PRO A 193 -2.31 27.53 -12.66
N VAL A 194 -3.39 27.08 -11.99
CA VAL A 194 -3.33 26.45 -10.64
C VAL A 194 -3.73 24.99 -10.73
N PRO A 195 -3.26 24.14 -9.80
CA PRO A 195 -3.78 22.78 -9.66
C PRO A 195 -5.27 22.83 -9.30
N CYS A 196 -5.95 21.71 -9.47
CA CYS A 196 -7.38 21.54 -9.11
C CYS A 196 -7.55 20.26 -8.30
N VAL A 197 -8.14 20.36 -7.12
CA VAL A 197 -8.61 19.18 -6.35
C VAL A 197 -10.09 18.97 -6.71
N LEU A 198 -10.38 17.86 -7.39
CA LEU A 198 -11.75 17.42 -7.70
C LEU A 198 -12.21 16.56 -6.52
N ILE A 199 -13.11 17.11 -5.70
CA ILE A 199 -13.65 16.39 -4.51
C ILE A 199 -14.88 15.61 -4.95
N ILE A 200 -14.87 14.30 -4.75
CA ILE A 200 -16.02 13.39 -5.03
C ILE A 200 -16.69 13.07 -3.68
N THR A 201 -17.96 13.41 -3.55
CA THR A 201 -18.66 13.41 -2.24
C THR A 201 -19.19 11.99 -1.99
N GLY A 202 -19.96 11.80 -0.92
CA GLY A 202 -20.29 10.47 -0.37
C GLY A 202 -21.77 10.13 -0.46
N LEU A 203 -22.21 9.21 0.39
CA LEU A 203 -23.59 8.66 0.36
C LEU A 203 -24.57 9.68 0.96
N ASP A 204 -24.13 10.49 1.92
CA ASP A 204 -24.99 11.46 2.67
C ASP A 204 -24.45 12.89 2.56
N GLY A 205 -23.13 13.07 2.56
CA GLY A 205 -22.47 14.38 2.37
C GLY A 205 -22.30 14.69 0.89
N TYR A 206 -22.95 15.74 0.40
CA TYR A 206 -22.96 16.14 -1.03
C TYR A 206 -22.14 17.44 -1.18
N ARG A 207 -22.27 18.14 -2.31
CA ARG A 207 -21.36 19.28 -2.63
C ARG A 207 -21.56 20.42 -1.61
N THR A 208 -22.75 20.53 -1.02
CA THR A 208 -23.09 21.53 0.03
C THR A 208 -22.38 21.21 1.36
N GLU A 209 -21.90 19.98 1.55
CA GLU A 209 -21.16 19.54 2.76
C GLU A 209 -19.65 19.67 2.52
N LEU A 210 -19.12 19.03 1.47
CA LEU A 210 -17.66 18.96 1.22
C LEU A 210 -17.14 20.36 0.82
N ALA A 211 -18.05 21.29 0.52
CA ALA A 211 -17.74 22.73 0.29
C ALA A 211 -16.80 23.25 1.38
N VAL A 212 -16.89 22.71 2.60
CA VAL A 212 -16.11 23.17 3.78
C VAL A 212 -14.60 23.11 3.47
N TRP A 213 -14.18 22.31 2.50
CA TRP A 213 -12.73 22.13 2.15
C TRP A 213 -12.23 23.20 1.16
N GLN A 214 -13.12 23.92 0.49
CA GLN A 214 -12.75 24.74 -0.70
C GLN A 214 -11.91 25.96 -0.31
N GLN A 215 -12.26 26.68 0.76
CA GLN A 215 -11.51 27.92 1.12
C GLN A 215 -10.06 27.53 1.48
N GLY A 216 -9.88 26.44 2.21
CA GLY A 216 -8.54 25.91 2.56
C GLY A 216 -7.67 25.74 1.32
N TRP A 217 -8.19 25.06 0.30
CA TRP A 217 -7.45 24.82 -0.98
C TRP A 217 -7.17 26.15 -1.68
N ARG A 218 -8.16 27.04 -1.73
CA ARG A 218 -8.03 28.38 -2.35
C ARG A 218 -6.85 29.12 -1.70
N SER A 219 -6.74 29.04 -0.37
CA SER A 219 -5.69 29.74 0.43
C SER A 219 -4.30 29.18 0.10
N LYS A 220 -4.22 27.95 -0.42
CA LYS A 220 -2.94 27.28 -0.81
C LYS A 220 -2.70 27.41 -2.32
N GLY A 221 -3.54 28.15 -3.04
CA GLY A 221 -3.41 28.42 -4.49
C GLY A 221 -3.90 27.26 -5.32
N VAL A 222 -4.94 26.58 -4.87
CA VAL A 222 -5.49 25.36 -5.51
C VAL A 222 -6.99 25.56 -5.78
N ALA A 223 -7.42 25.34 -7.02
CA ALA A 223 -8.85 25.39 -7.42
C ALA A 223 -9.54 24.16 -6.85
N THR A 224 -10.86 24.21 -6.69
CA THR A 224 -11.67 23.04 -6.28
C THR A 224 -12.90 22.94 -7.17
N VAL A 225 -13.25 21.71 -7.54
CA VAL A 225 -14.55 21.31 -8.13
C VAL A 225 -15.11 20.21 -7.24
N ILE A 226 -16.39 20.31 -6.86
CA ILE A 226 -17.04 19.30 -5.99
C ILE A 226 -18.24 18.73 -6.75
N ALA A 227 -18.25 17.41 -6.95
CA ALA A 227 -19.27 16.67 -7.70
C ALA A 227 -19.78 15.50 -6.86
N GLU A 228 -21.06 15.16 -7.02
CA GLU A 228 -21.72 14.05 -6.29
C GLU A 228 -21.61 12.76 -7.09
N ILE A 229 -21.62 11.63 -6.38
CA ILE A 229 -21.59 10.28 -7.00
C ILE A 229 -22.97 9.99 -7.57
N PRO A 230 -23.08 9.06 -8.55
CA PRO A 230 -24.37 8.64 -9.08
C PRO A 230 -25.39 8.28 -7.99
N GLY A 231 -26.65 8.67 -8.19
CA GLY A 231 -27.77 8.33 -7.29
C GLY A 231 -27.74 9.14 -6.01
N THR A 232 -26.99 10.25 -5.99
CA THR A 232 -26.95 11.20 -4.86
C THR A 232 -27.03 12.65 -5.38
N GLY A 233 -27.43 13.57 -4.50
CA GLY A 233 -27.51 15.01 -4.80
C GLY A 233 -28.18 15.25 -6.14
N ASP A 234 -27.48 15.89 -7.08
CA ASP A 234 -28.01 16.24 -8.42
C ASP A 234 -27.22 15.50 -9.50
N SER A 235 -26.56 14.38 -9.17
CA SER A 235 -25.85 13.56 -10.18
C SER A 235 -26.83 13.18 -11.28
N PRO A 236 -26.49 13.44 -12.57
CA PRO A 236 -27.33 13.03 -13.70
C PRO A 236 -27.16 11.56 -14.12
N ALA A 237 -26.28 10.81 -13.45
CA ALA A 237 -25.84 9.46 -13.87
C ALA A 237 -26.95 8.43 -13.60
N LEU A 238 -27.10 7.44 -14.49
CA LEU A 238 -27.97 6.26 -14.27
C LEU A 238 -27.49 5.54 -13.00
N ARG A 239 -28.40 5.21 -12.10
CA ARG A 239 -28.07 4.66 -10.76
C ARG A 239 -27.55 3.22 -10.87
N GLN A 240 -28.19 2.40 -11.73
CA GLN A 240 -27.95 0.93 -11.78
C GLN A 240 -26.81 0.60 -12.77
N ASP A 241 -26.33 1.58 -13.56
CA ASP A 241 -25.33 1.34 -14.63
C ASP A 241 -23.93 1.57 -14.06
N PRO A 242 -23.09 0.52 -13.90
CA PRO A 242 -21.75 0.69 -13.34
C PRO A 242 -20.84 1.65 -14.12
N THR A 243 -21.12 1.90 -15.42
CA THR A 243 -20.30 2.76 -16.30
C THR A 243 -20.78 4.23 -16.25
N SER A 244 -21.89 4.52 -15.56
CA SER A 244 -22.48 5.88 -15.52
C SER A 244 -21.50 6.89 -14.90
N PRO A 245 -20.72 6.56 -13.83
CA PRO A 245 -19.73 7.51 -13.31
C PRO A 245 -18.67 7.86 -14.36
N ASP A 246 -18.32 6.90 -15.22
CA ASP A 246 -17.27 7.05 -16.27
C ASP A 246 -17.67 8.20 -17.20
N ARG A 247 -18.95 8.25 -17.60
CA ARG A 247 -19.50 9.30 -18.48
C ARG A 247 -19.49 10.63 -17.73
N GLN A 248 -19.91 10.61 -16.47
CA GLN A 248 -19.99 11.84 -15.64
C GLN A 248 -18.59 12.48 -15.56
N TRP A 249 -17.54 11.69 -15.31
CA TRP A 249 -16.17 12.24 -15.12
C TRP A 249 -15.62 12.71 -16.47
N SER A 250 -16.00 12.07 -17.58
CA SER A 250 -15.63 12.56 -18.93
C SER A 250 -16.19 13.98 -19.15
N SER A 251 -17.43 14.23 -18.76
CA SER A 251 -18.07 15.57 -18.87
C SER A 251 -17.38 16.56 -17.91
N VAL A 252 -17.10 16.16 -16.69
CA VAL A 252 -16.51 17.07 -15.65
C VAL A 252 -15.08 17.42 -16.08
N LEU A 253 -14.29 16.45 -16.52
CA LEU A 253 -12.87 16.69 -16.89
C LEU A 253 -12.78 17.47 -18.21
N ASP A 254 -13.72 17.28 -19.14
CA ASP A 254 -13.81 18.14 -20.35
C ASP A 254 -13.98 19.60 -19.93
N TRP A 255 -14.85 19.85 -18.94
CA TRP A 255 -15.14 21.22 -18.45
C TRP A 255 -13.90 21.80 -17.76
N ILE A 256 -13.25 21.04 -16.87
CA ILE A 256 -12.04 21.52 -16.15
C ILE A 256 -10.97 21.89 -17.20
N GLU A 257 -10.79 21.07 -18.23
CA GLU A 257 -9.79 21.30 -19.31
C GLU A 257 -10.13 22.58 -20.09
N SER A 258 -11.41 22.98 -20.15
CA SER A 258 -11.86 24.22 -20.83
C SER A 258 -11.55 25.45 -19.96
N GLN A 259 -11.36 25.27 -18.65
CA GLN A 259 -10.98 26.36 -17.70
C GLN A 259 -9.46 26.54 -17.74
N LYS A 260 -8.97 27.50 -18.51
CA LYS A 260 -7.52 27.65 -18.82
C LYS A 260 -6.76 28.17 -17.60
N ALA A 261 -7.44 28.73 -16.59
CA ALA A 261 -6.84 29.16 -15.31
C ALA A 261 -6.48 27.94 -14.46
N VAL A 262 -6.96 26.76 -14.84
CA VAL A 262 -6.61 25.47 -14.18
C VAL A 262 -5.57 24.75 -15.04
N ASP A 263 -4.51 24.25 -14.41
CA ASP A 263 -3.49 23.37 -15.03
C ASP A 263 -4.06 21.96 -15.09
N SER A 264 -4.50 21.51 -16.27
N SER A 264 -4.49 21.55 -16.29
CA SER A 264 -5.18 20.20 -16.44
CA SER A 264 -5.14 20.25 -16.59
C SER A 264 -4.18 19.05 -16.40
C SER A 264 -4.20 19.07 -16.27
N LYS A 265 -2.89 19.33 -16.18
CA LYS A 265 -1.87 18.30 -15.85
C LYS A 265 -1.75 18.13 -14.32
N LYS A 266 -2.50 18.92 -13.54
CA LYS A 266 -2.43 18.90 -12.05
C LYS A 266 -3.84 18.79 -11.47
N ILE A 267 -4.64 17.85 -11.98
CA ILE A 267 -5.98 17.51 -11.41
C ILE A 267 -5.79 16.32 -10.47
N VAL A 268 -6.16 16.51 -9.20
CA VAL A 268 -6.11 15.46 -8.14
C VAL A 268 -7.56 15.19 -7.71
N ALA A 269 -8.03 13.95 -7.89
CA ALA A 269 -9.38 13.52 -7.46
C ALA A 269 -9.28 12.95 -6.04
N TRP A 270 -10.03 13.53 -5.10
CA TRP A 270 -10.11 13.05 -3.70
C TRP A 270 -11.54 12.62 -3.40
N GLY A 271 -11.76 11.31 -3.29
CA GLY A 271 -13.06 10.70 -2.96
C GLY A 271 -13.18 10.48 -1.47
N PHE A 272 -14.26 11.01 -0.88
CA PHE A 272 -14.57 10.90 0.56
C PHE A 272 -15.62 9.78 0.75
N SER A 273 -15.31 8.82 1.62
CA SER A 273 -16.25 7.76 2.03
C SER A 273 -16.67 6.99 0.77
N THR A 274 -17.96 6.91 0.45
CA THR A 274 -18.46 6.22 -0.76
C THR A 274 -17.79 6.80 -2.01
N GLY A 275 -17.48 8.10 -2.00
CA GLY A 275 -16.72 8.79 -3.07
C GLY A 275 -15.38 8.12 -3.36
N GLY A 276 -14.77 7.47 -2.37
CA GLY A 276 -13.48 6.76 -2.52
C GLY A 276 -13.55 5.68 -3.60
N TYR A 277 -14.65 4.91 -3.66
CA TYR A 277 -14.88 3.90 -4.72
C TYR A 277 -14.71 4.57 -6.09
N TYR A 278 -15.30 5.75 -6.26
CA TYR A 278 -15.34 6.50 -7.54
C TYR A 278 -13.96 7.08 -7.85
N ALA A 279 -13.25 7.59 -6.84
CA ALA A 279 -11.85 8.08 -6.98
C ALA A 279 -10.95 6.93 -7.43
N LEU A 280 -11.08 5.75 -6.82
CA LEU A 280 -10.27 4.56 -7.17
C LEU A 280 -10.61 4.15 -8.60
N ARG A 281 -11.90 4.09 -8.92
CA ARG A 281 -12.39 3.67 -10.25
C ARG A 281 -11.81 4.59 -11.33
N MET A 282 -11.91 5.91 -11.14
CA MET A 282 -11.54 6.89 -12.21
C MET A 282 -10.01 6.97 -12.36
N ALA A 283 -9.23 6.53 -11.37
CA ALA A 283 -7.76 6.39 -11.50
C ALA A 283 -7.44 5.46 -12.67
N HIS A 284 -8.33 4.51 -12.98
CA HIS A 284 -8.19 3.53 -14.08
C HIS A 284 -8.87 4.08 -15.34
N THR A 285 -10.14 4.50 -15.24
CA THR A 285 -10.98 4.89 -16.41
C THR A 285 -10.47 6.19 -17.02
N HIS A 286 -9.87 7.07 -16.22
CA HIS A 286 -9.42 8.43 -16.66
C HIS A 286 -7.95 8.65 -16.27
N LYS A 287 -7.15 7.59 -16.26
CA LYS A 287 -5.72 7.59 -15.88
C LYS A 287 -4.98 8.80 -16.48
N ASP A 288 -5.12 9.02 -17.79
CA ASP A 288 -4.28 9.99 -18.56
C ASP A 288 -4.75 11.43 -18.32
N ARG A 289 -5.85 11.63 -17.59
CA ARG A 289 -6.43 12.98 -17.36
C ARG A 289 -6.27 13.40 -15.89
N LEU A 290 -5.69 12.55 -15.05
CA LEU A 290 -5.58 12.78 -13.58
C LEU A 290 -4.13 12.60 -13.12
N LEU A 291 -3.60 13.57 -12.38
CA LEU A 291 -2.25 13.48 -11.78
C LEU A 291 -2.27 12.38 -10.70
N ALA A 292 -3.33 12.35 -9.89
CA ALA A 292 -3.50 11.36 -8.80
C ALA A 292 -4.96 11.26 -8.40
N THR A 293 -5.33 10.18 -7.73
CA THR A 293 -6.62 10.05 -7.03
C THR A 293 -6.37 9.54 -5.62
N ILE A 294 -7.25 9.91 -4.71
CA ILE A 294 -7.19 9.51 -3.28
C ILE A 294 -8.54 8.90 -2.91
N SER A 295 -8.53 7.69 -2.36
CA SER A 295 -9.71 7.03 -1.77
C SER A 295 -9.57 7.08 -0.25
N LEU A 296 -10.40 7.89 0.40
CA LEU A 296 -10.46 7.98 1.89
C LEU A 296 -11.73 7.29 2.36
N GLY A 297 -11.58 6.12 2.98
CA GLY A 297 -12.71 5.29 3.47
C GLY A 297 -13.57 4.80 2.32
N GLY A 298 -12.96 4.51 1.17
CA GLY A 298 -13.65 3.90 0.02
C GLY A 298 -13.71 2.39 0.14
N GLY A 299 -14.48 1.78 -0.75
CA GLY A 299 -14.50 0.32 -0.97
C GLY A 299 -14.26 0.01 -2.44
N ALA A 300 -14.43 -1.25 -2.84
CA ALA A 300 -14.06 -1.73 -4.18
C ALA A 300 -14.76 -3.04 -4.55
N HIS A 301 -15.06 -3.92 -3.59
CA HIS A 301 -15.46 -5.32 -3.88
C HIS A 301 -16.33 -5.90 -2.75
N HIS A 302 -15.75 -6.12 -1.58
CA HIS A 302 -16.43 -6.75 -0.41
C HIS A 302 -17.55 -5.84 0.10
N MET A 303 -17.50 -4.54 -0.17
CA MET A 303 -18.60 -3.59 0.18
C MET A 303 -19.92 -4.04 -0.49
N PHE A 304 -19.85 -4.88 -1.53
CA PHE A 304 -21.04 -5.37 -2.29
C PHE A 304 -21.42 -6.80 -1.88
N ASP A 305 -20.72 -7.38 -0.88
CA ASP A 305 -20.97 -8.76 -0.38
C ASP A 305 -22.33 -8.81 0.34
N ARG A 306 -23.06 -9.90 0.13
CA ARG A 306 -24.31 -10.21 0.89
C ARG A 306 -23.99 -10.11 2.39
N GLU A 307 -22.94 -10.81 2.84
CA GLU A 307 -22.56 -10.93 4.28
C GLU A 307 -22.33 -9.53 4.86
N TRP A 308 -21.48 -8.73 4.21
CA TRP A 308 -21.17 -7.35 4.65
C TRP A 308 -22.46 -6.53 4.73
N LEU A 309 -23.25 -6.51 3.65
CA LEU A 309 -24.46 -5.65 3.52
C LEU A 309 -25.54 -6.11 4.49
N GLU A 310 -25.62 -7.40 4.81
CA GLU A 310 -26.65 -7.98 5.73
C GLU A 310 -26.31 -7.68 7.19
N HIS A 311 -25.13 -7.10 7.47
CA HIS A 311 -24.68 -6.73 8.85
C HIS A 311 -24.56 -5.20 9.01
N ALA A 312 -24.26 -4.46 7.94
CA ALA A 312 -23.79 -3.05 8.00
C ALA A 312 -24.92 -2.11 8.47
N ASN A 313 -26.19 -2.49 8.35
CA ASN A 313 -27.35 -1.65 8.76
C ASN A 313 -27.30 -1.36 10.27
N LYS A 314 -26.67 -2.23 11.08
CA LYS A 314 -26.71 -2.15 12.56
C LYS A 314 -25.37 -1.65 13.14
N LEU A 315 -24.41 -1.25 12.30
CA LEU A 315 -23.03 -0.93 12.77
C LEU A 315 -22.83 0.60 12.82
N GLU A 316 -21.62 1.12 12.58
CA GLU A 316 -21.22 2.49 12.99
C GLU A 316 -22.02 3.56 12.23
N TYR A 317 -22.51 3.27 11.03
CA TYR A 317 -23.27 4.28 10.22
C TYR A 317 -24.46 4.76 11.04
N PRO A 318 -24.78 6.08 11.04
CA PRO A 318 -25.83 6.61 11.90
C PRO A 318 -27.24 6.02 11.65
N PHE A 319 -27.55 5.65 10.41
CA PHE A 319 -28.88 5.10 10.02
C PHE A 319 -28.69 3.72 9.38
N ASP A 320 -29.33 3.46 8.23
CA ASP A 320 -29.38 2.12 7.60
C ASP A 320 -28.49 2.13 6.34
N LEU A 321 -27.20 1.88 6.52
CA LEU A 321 -26.14 2.01 5.49
C LEU A 321 -26.53 1.20 4.24
N SER A 322 -26.83 -0.08 4.42
CA SER A 322 -27.05 -1.05 3.31
C SER A 322 -28.31 -0.68 2.51
N ASN A 323 -29.38 -0.29 3.19
CA ASN A 323 -30.66 0.14 2.56
C ASN A 323 -30.44 1.44 1.79
N THR A 324 -29.67 2.37 2.38
CA THR A 324 -29.32 3.67 1.76
C THR A 324 -28.48 3.41 0.50
N LEU A 325 -27.50 2.51 0.57
CA LEU A 325 -26.66 2.12 -0.60
C LEU A 325 -27.57 1.58 -1.72
N ALA A 326 -28.46 0.63 -1.38
CA ALA A 326 -29.42 0.01 -2.34
C ALA A 326 -30.19 1.12 -3.07
N TYR A 327 -30.70 2.10 -2.33
CA TYR A 327 -31.50 3.23 -2.87
C TYR A 327 -30.63 4.05 -3.83
N LYS A 328 -29.40 4.38 -3.40
CA LYS A 328 -28.40 5.15 -4.19
C LYS A 328 -28.08 4.41 -5.50
N PHE A 329 -28.05 3.08 -5.49
CA PHE A 329 -27.77 2.24 -6.68
C PHE A 329 -29.06 1.94 -7.47
N GLY A 330 -30.19 2.49 -7.03
CA GLY A 330 -31.46 2.48 -7.81
C GLY A 330 -32.22 1.18 -7.67
N TYR A 331 -32.14 0.52 -6.51
CA TYR A 331 -32.88 -0.74 -6.20
C TYR A 331 -33.98 -0.45 -5.17
N PRO A 332 -35.17 -1.06 -5.33
CA PRO A 332 -36.31 -0.78 -4.45
C PRO A 332 -36.17 -1.32 -3.02
N ASP A 333 -35.26 -2.28 -2.80
CA ASP A 333 -35.01 -2.90 -1.47
C ASP A 333 -33.59 -3.48 -1.45
N LEU A 334 -33.13 -3.92 -0.28
CA LEU A 334 -31.75 -4.44 -0.07
C LEU A 334 -31.57 -5.76 -0.83
N GLU A 335 -32.53 -6.68 -0.73
CA GLU A 335 -32.42 -8.03 -1.34
C GLU A 335 -32.19 -7.90 -2.85
N SER A 336 -32.94 -7.01 -3.52
CA SER A 336 -32.83 -6.76 -4.98
C SER A 336 -31.44 -6.21 -5.32
N PHE A 337 -30.89 -5.34 -4.47
CA PHE A 337 -29.52 -4.77 -4.63
C PHE A 337 -28.50 -5.90 -4.50
N ILE A 338 -28.57 -6.69 -3.43
CA ILE A 338 -27.60 -7.78 -3.10
C ILE A 338 -27.61 -8.80 -4.25
N GLU A 339 -28.75 -9.04 -4.88
CA GLU A 339 -28.91 -10.02 -5.99
C GLU A 339 -28.04 -9.60 -7.18
N GLU A 340 -27.81 -8.28 -7.37
CA GLU A 340 -27.08 -7.72 -8.55
C GLU A 340 -25.81 -6.97 -8.14
N SER A 341 -25.56 -6.73 -6.84
CA SER A 341 -24.50 -5.80 -6.34
C SER A 341 -23.11 -6.18 -6.87
N SER A 342 -22.87 -7.47 -7.17
CA SER A 342 -21.56 -8.00 -7.63
C SER A 342 -21.05 -7.26 -8.87
N LYS A 343 -21.95 -6.72 -9.70
CA LYS A 343 -21.59 -6.09 -11.01
C LYS A 343 -20.90 -4.73 -10.79
N PHE A 344 -20.98 -4.16 -9.58
CA PHE A 344 -20.36 -2.85 -9.25
C PHE A 344 -18.92 -3.03 -8.78
N SER A 345 -18.52 -4.26 -8.42
CA SER A 345 -17.16 -4.57 -7.91
C SER A 345 -16.11 -4.17 -8.96
N LEU A 346 -15.09 -3.43 -8.53
CA LEU A 346 -13.95 -3.03 -9.40
C LEU A 346 -13.08 -4.25 -9.72
N LEU A 347 -13.17 -5.31 -8.91
CA LEU A 347 -12.51 -6.61 -9.21
C LEU A 347 -13.34 -7.34 -10.28
N ASN A 348 -14.63 -7.53 -10.05
CA ASN A 348 -15.52 -8.35 -10.93
C ASN A 348 -15.61 -7.72 -12.33
N ASP A 349 -15.69 -6.40 -12.45
CA ASP A 349 -15.91 -5.71 -13.77
C ASP A 349 -14.55 -5.44 -14.46
N GLY A 350 -13.43 -5.88 -13.86
CA GLY A 350 -12.10 -5.87 -14.49
C GLY A 350 -11.36 -4.55 -14.34
N THR A 351 -11.94 -3.54 -13.70
CA THR A 351 -11.33 -2.19 -13.52
C THR A 351 -9.91 -2.35 -12.94
N LEU A 352 -9.75 -3.15 -11.87
CA LEU A 352 -8.49 -3.20 -11.07
C LEU A 352 -7.36 -3.83 -11.88
N GLN A 353 -7.65 -4.51 -12.99
CA GLN A 353 -6.61 -5.13 -13.86
C GLN A 353 -5.99 -4.06 -14.77
N LYS A 354 -6.67 -2.93 -14.95
CA LYS A 354 -6.23 -1.83 -15.86
C LYS A 354 -5.10 -1.04 -15.22
N PRO A 355 -4.27 -0.35 -16.03
CA PRO A 355 -3.30 0.60 -15.50
C PRO A 355 -4.03 1.72 -14.74
N CYS A 356 -3.41 2.26 -13.70
CA CYS A 356 -3.96 3.41 -12.94
C CYS A 356 -2.92 4.53 -12.88
N THR A 357 -3.39 5.76 -12.72
CA THR A 357 -2.56 6.93 -12.33
C THR A 357 -2.13 6.72 -10.88
N LYS A 358 -1.48 7.72 -10.28
CA LYS A 358 -1.06 7.68 -8.86
C LYS A 358 -2.32 7.50 -8.00
N VAL A 359 -2.33 6.48 -7.14
CA VAL A 359 -3.45 6.19 -6.20
C VAL A 359 -2.92 6.20 -4.78
N LEU A 360 -3.62 6.87 -3.87
CA LEU A 360 -3.39 6.81 -2.41
C LEU A 360 -4.67 6.27 -1.76
N LEU A 361 -4.56 5.17 -1.02
CA LEU A 361 -5.66 4.55 -0.27
C LEU A 361 -5.41 4.81 1.21
N VAL A 362 -6.39 5.36 1.91
CA VAL A 362 -6.31 5.61 3.38
C VAL A 362 -7.65 5.20 3.99
N ASN A 363 -7.59 4.45 5.10
CA ASN A 363 -8.81 4.11 5.87
C ASN A 363 -8.42 3.61 7.25
N GLY A 364 -9.36 3.69 8.20
CA GLY A 364 -9.28 3.00 9.51
C GLY A 364 -9.50 1.51 9.33
N ASN A 365 -8.64 0.70 9.95
CA ASN A 365 -8.70 -0.79 9.88
C ASN A 365 -10.08 -1.30 10.30
N ASP A 366 -10.72 -0.64 11.27
CA ASP A 366 -11.91 -1.14 11.99
C ASP A 366 -13.20 -0.61 11.33
N ASP A 367 -13.10 -0.03 10.13
CA ASP A 367 -14.25 0.51 9.36
C ASP A 367 -15.39 -0.52 9.35
N GLU A 368 -16.59 -0.11 9.77
CA GLU A 368 -17.82 -0.94 9.76
C GLU A 368 -18.82 -0.39 8.74
N ILE A 369 -18.38 0.50 7.86
CA ILE A 369 -19.20 1.03 6.72
C ILE A 369 -18.75 0.34 5.43
N PHE A 370 -17.46 0.41 5.11
CA PHE A 370 -16.83 -0.43 4.06
C PHE A 370 -15.63 -1.15 4.67
N PRO A 371 -15.38 -2.42 4.32
CA PRO A 371 -14.33 -3.21 4.98
C PRO A 371 -12.93 -2.78 4.54
N ILE A 372 -11.97 -2.80 5.47
CA ILE A 372 -10.52 -2.59 5.15
C ILE A 372 -10.07 -3.70 4.19
N ASP A 373 -10.78 -4.85 4.19
CA ASP A 373 -10.55 -5.97 3.24
C ASP A 373 -10.51 -5.43 1.80
N ASP A 374 -11.23 -4.35 1.51
CA ASP A 374 -11.27 -3.74 0.15
C ASP A 374 -9.99 -2.96 -0.14
N MET A 375 -9.30 -2.41 0.86
CA MET A 375 -7.93 -1.88 0.64
C MET A 375 -7.05 -3.05 0.17
N PHE A 376 -7.17 -4.22 0.80
CA PHE A 376 -6.36 -5.42 0.44
C PHE A 376 -6.66 -5.81 -1.00
N VAL A 377 -7.94 -5.89 -1.39
CA VAL A 377 -8.34 -6.23 -2.79
C VAL A 377 -7.72 -5.21 -3.74
N SER A 378 -7.76 -3.92 -3.39
CA SER A 378 -7.17 -2.82 -4.20
C SER A 378 -5.66 -3.01 -4.35
N LEU A 379 -4.97 -3.52 -3.31
CA LEU A 379 -3.50 -3.76 -3.31
C LEU A 379 -3.16 -5.13 -3.89
N GLU A 380 -4.16 -5.98 -4.18
CA GLU A 380 -3.95 -7.36 -4.67
C GLU A 380 -4.03 -7.42 -6.19
N ASN A 381 -4.30 -6.30 -6.87
CA ASN A 381 -4.60 -6.27 -8.32
C ASN A 381 -3.94 -5.07 -8.99
N GLY A 382 -3.48 -5.25 -10.23
CA GLY A 382 -2.90 -4.19 -11.06
C GLY A 382 -1.60 -3.66 -10.49
N GLN A 383 -1.36 -2.36 -10.66
CA GLN A 383 -0.06 -1.72 -10.31
C GLN A 383 -0.05 -1.42 -8.82
N PRO A 384 1.15 -1.29 -8.20
CA PRO A 384 1.25 -0.88 -6.80
C PRO A 384 0.52 0.44 -6.56
N LYS A 385 -0.05 0.59 -5.36
CA LYS A 385 -0.74 1.83 -4.94
C LYS A 385 -0.17 2.24 -3.58
N LEU A 386 -0.14 3.54 -3.32
CA LEU A 386 0.23 4.11 -2.01
C LEU A 386 -0.89 3.80 -1.01
N ALA A 387 -0.53 3.37 0.19
CA ALA A 387 -1.50 3.05 1.25
C ALA A 387 -0.99 3.57 2.59
N ARG A 388 -1.92 4.07 3.40
CA ARG A 388 -1.78 4.23 4.87
C ARG A 388 -3.01 3.62 5.51
N MET A 389 -2.81 2.55 6.27
CA MET A 389 -3.83 1.97 7.18
C MET A 389 -3.77 2.75 8.50
N VAL A 390 -4.92 3.01 9.12
CA VAL A 390 -4.99 3.67 10.46
C VAL A 390 -5.53 2.63 11.45
N LYS A 391 -4.63 1.98 12.18
CA LYS A 391 -4.95 0.91 13.15
C LYS A 391 -5.82 1.50 14.27
N GLY A 392 -6.83 0.75 14.71
CA GLY A 392 -7.66 1.06 15.90
C GLY A 392 -8.67 2.18 15.63
N LYS A 393 -8.85 2.58 14.36
CA LYS A 393 -9.83 3.63 13.97
C LYS A 393 -10.83 3.02 12.98
N LYS A 394 -12.05 3.53 12.98
CA LYS A 394 -13.15 3.04 12.10
C LYS A 394 -13.18 3.91 10.84
N HIS A 395 -14.35 4.02 10.20
CA HIS A 395 -14.53 4.68 8.87
C HIS A 395 -13.76 6.00 8.82
N MET A 396 -12.87 6.14 7.82
CA MET A 396 -12.12 7.37 7.43
C MET A 396 -10.83 7.51 8.25
N GLY A 397 -10.63 6.75 9.33
CA GLY A 397 -9.39 6.78 10.13
C GLY A 397 -8.99 8.18 10.57
N GLU A 398 -9.97 9.01 10.96
CA GLU A 398 -9.75 10.41 11.42
C GLU A 398 -9.23 10.42 12.85
N PRO A 399 -8.47 11.46 13.26
CA PRO A 399 -8.13 12.58 12.38
C PRO A 399 -6.84 12.46 11.55
N GLU A 400 -6.02 11.44 11.81
N GLU A 400 -6.03 11.43 11.82
CA GLU A 400 -4.67 11.29 11.19
CA GLU A 400 -4.69 11.19 11.22
C GLU A 400 -4.80 11.19 9.66
C GLU A 400 -4.80 11.18 9.69
N SER A 401 -5.86 10.56 9.16
CA SER A 401 -6.09 10.37 7.69
C SER A 401 -5.98 11.72 6.96
N PHE A 402 -6.59 12.78 7.49
CA PHE A 402 -6.60 14.11 6.83
C PHE A 402 -5.19 14.69 6.74
N SER A 403 -4.37 14.53 7.80
CA SER A 403 -2.97 15.02 7.85
C SER A 403 -2.11 14.22 6.85
N ILE A 404 -2.31 12.91 6.81
CA ILE A 404 -1.61 12.01 5.84
C ILE A 404 -1.88 12.51 4.42
N ILE A 405 -3.15 12.74 4.08
CA ILE A 405 -3.57 13.06 2.69
C ILE A 405 -3.08 14.46 2.33
N LEU A 406 -3.28 15.45 3.20
CA LEU A 406 -2.84 16.84 2.90
C LEU A 406 -1.32 16.88 2.72
N GLU A 407 -0.55 16.23 3.61
CA GLU A 407 0.93 16.16 3.52
C GLU A 407 1.30 15.64 2.12
N TRP A 408 0.66 14.57 1.68
CA TRP A 408 0.96 13.91 0.38
C TRP A 408 0.61 14.85 -0.78
N ILE A 409 -0.58 15.45 -0.77
CA ILE A 409 -1.04 16.38 -1.86
C ILE A 409 -0.08 17.58 -1.93
N HIS A 410 0.29 18.15 -0.78
CA HIS A 410 1.22 19.32 -0.70
C HIS A 410 2.55 18.96 -1.39
N LYS A 411 3.08 17.77 -1.13
CA LYS A 411 4.36 17.30 -1.73
C LYS A 411 4.14 17.10 -3.23
N LEU A 412 3.03 16.48 -3.63
CA LEU A 412 2.68 16.19 -5.04
C LEU A 412 2.64 17.48 -5.85
N LEU A 413 1.98 18.52 -5.33
CA LEU A 413 1.71 19.79 -6.05
C LEU A 413 2.74 20.87 -5.70
N GLY A 414 3.70 20.59 -4.83
CA GLY A 414 4.74 21.56 -4.40
C GLY A 414 4.12 22.78 -3.74
N LEU A 415 3.16 22.57 -2.84
CA LEU A 415 2.49 23.64 -2.06
C LEU A 415 3.36 23.96 -0.84
N ASP A 416 2.91 24.86 0.03
CA ASP A 416 3.71 25.44 1.15
C ASP A 416 3.92 24.42 2.28
N GLY A 417 3.17 23.31 2.29
CA GLY A 417 3.27 22.23 3.28
C GLY A 417 2.68 22.61 4.64
N LYS A 418 1.96 23.73 4.72
CA LYS A 418 1.38 24.25 5.97
C LYS A 418 -0.01 23.64 6.17
N ILE A 419 -0.04 22.33 6.45
CA ILE A 419 -1.30 21.53 6.51
C ILE A 419 -2.06 21.80 7.82
N LYS A 420 -1.38 22.14 8.91
CA LYS A 420 -2.07 22.46 10.18
C LYS A 420 -2.98 23.69 9.89
N GLU A 421 -2.40 24.71 9.27
CA GLU A 421 -3.09 26.01 8.98
C GLU A 421 -4.34 25.70 8.16
N GLN A 422 -4.22 24.76 7.22
CA GLN A 422 -5.31 24.37 6.29
C GLN A 422 -6.40 23.60 7.05
N LEU A 423 -6.01 22.62 7.87
CA LEU A 423 -6.96 21.78 8.64
C LEU A 423 -7.71 22.61 9.67
N ALA A 424 -7.07 23.64 10.25
CA ALA A 424 -7.67 24.52 11.28
C ALA A 424 -8.86 25.30 10.72
N MET A 425 -8.97 25.41 9.38
CA MET A 425 -10.05 26.17 8.71
C MET A 425 -11.33 25.35 8.59
N ILE A 426 -11.28 24.05 8.88
CA ILE A 426 -12.42 23.09 8.64
C ILE A 426 -13.49 23.27 9.72
N PRO A 427 -13.16 23.23 11.03
CA PRO A 427 -14.19 23.33 12.07
C PRO A 427 -14.97 24.65 11.96
N SER A 428 -16.30 24.56 12.08
N SER A 428 -16.31 24.55 12.06
CA SER A 428 -17.24 25.70 11.94
CA SER A 428 -17.27 25.67 11.98
C SER A 428 -17.24 26.55 13.21
C SER A 428 -17.17 26.55 13.23
N ARG A 429 -17.05 27.87 13.07
CA ARG A 429 -16.99 28.85 14.17
C ARG A 429 -17.34 30.25 13.64
N SER B 18 -5.33 -17.07 21.03
CA SER B 18 -4.81 -18.30 20.35
C SER B 18 -3.93 -17.90 19.16
N ALA B 19 -2.83 -18.63 18.96
CA ALA B 19 -1.86 -18.41 17.86
C ALA B 19 -2.52 -18.68 16.50
N THR B 20 -3.46 -19.63 16.46
CA THR B 20 -4.17 -20.07 15.23
C THR B 20 -5.11 -18.98 14.70
N GLU B 21 -5.45 -17.98 15.52
CA GLU B 21 -6.38 -16.88 15.16
C GLU B 21 -5.65 -15.53 15.11
N LYS B 22 -4.32 -15.51 15.35
CA LYS B 22 -3.55 -14.25 15.52
C LYS B 22 -3.19 -13.64 14.15
N TYR B 23 -2.78 -14.47 13.18
CA TYR B 23 -2.16 -14.01 11.90
C TYR B 23 -3.14 -14.19 10.74
N TYR B 24 -2.85 -13.51 9.62
CA TYR B 24 -3.67 -13.50 8.38
C TYR B 24 -3.96 -14.95 7.92
N ILE B 25 -2.93 -15.81 7.94
CA ILE B 25 -3.00 -17.20 7.40
C ILE B 25 -3.75 -18.13 8.38
N ARG B 26 -4.10 -17.64 9.58
CA ARG B 26 -4.97 -18.34 10.55
C ARG B 26 -4.31 -19.67 10.95
N ASP B 27 -5.03 -20.81 10.84
CA ASP B 27 -4.59 -22.12 11.38
C ASP B 27 -3.61 -22.81 10.41
N ALA B 28 -3.25 -22.15 9.31
CA ALA B 28 -2.22 -22.63 8.35
C ALA B 28 -0.88 -22.83 9.07
N ILE B 29 -0.65 -22.11 10.17
CA ILE B 29 0.61 -22.15 10.97
C ILE B 29 0.75 -23.50 11.70
N THR B 30 -0.35 -24.24 11.89
CA THR B 30 -0.36 -25.52 12.67
C THR B 30 -0.18 -26.73 11.75
N LYS B 31 -0.17 -26.54 10.43
CA LYS B 31 -0.08 -27.65 9.42
C LYS B 31 1.38 -27.87 9.06
N PRO B 32 2.03 -28.97 9.52
CA PRO B 32 3.42 -29.23 9.20
C PRO B 32 3.60 -29.61 7.72
N ALA B 33 4.60 -29.03 7.06
CA ALA B 33 4.92 -29.26 5.63
C ALA B 33 5.63 -30.61 5.48
N VAL B 34 5.34 -31.32 4.40
CA VAL B 34 5.78 -32.74 4.16
C VAL B 34 7.30 -32.81 4.03
N HIS B 35 7.96 -31.76 3.55
CA HIS B 35 9.42 -31.78 3.20
C HIS B 35 10.29 -31.94 4.46
N HIS B 36 9.74 -31.68 5.66
CA HIS B 36 10.46 -31.79 6.96
C HIS B 36 10.59 -33.26 7.39
N GLU B 37 9.88 -34.18 6.72
CA GLU B 37 9.87 -35.63 7.07
C GLU B 37 11.22 -36.27 6.68
N SER B 38 11.84 -35.82 5.58
CA SER B 38 13.10 -36.40 5.04
C SER B 38 13.63 -35.54 3.88
N TYR B 39 14.91 -35.71 3.53
CA TYR B 39 15.53 -35.09 2.34
C TYR B 39 14.81 -35.58 1.08
N GLN B 40 14.40 -36.85 1.06
CA GLN B 40 13.64 -37.45 -0.07
C GLN B 40 12.36 -36.64 -0.31
N LYS B 41 11.62 -36.31 0.74
CA LYS B 41 10.39 -35.49 0.68
C LYS B 41 10.75 -34.07 0.25
N LEU B 42 11.84 -33.49 0.78
CA LEU B 42 12.32 -32.14 0.40
C LEU B 42 12.64 -32.11 -1.10
N TRP B 43 13.38 -33.11 -1.58
CA TRP B 43 13.78 -33.24 -3.00
C TRP B 43 12.53 -33.42 -3.87
N GLU B 44 11.68 -34.39 -3.54
CA GLU B 44 10.51 -34.80 -4.36
C GLU B 44 9.48 -33.66 -4.43
N THR B 45 9.16 -33.01 -3.30
CA THR B 45 7.97 -32.12 -3.17
C THR B 45 8.34 -30.63 -3.22
N LYS B 46 9.63 -30.27 -3.28
CA LYS B 46 10.03 -28.83 -3.16
C LYS B 46 11.23 -28.49 -4.06
N TRP B 47 12.31 -29.27 -4.04
CA TRP B 47 13.63 -28.85 -4.55
C TRP B 47 13.92 -29.39 -5.97
N LYS B 48 13.45 -30.59 -6.32
CA LYS B 48 13.72 -31.16 -7.67
C LYS B 48 13.20 -30.21 -8.75
N LYS B 49 12.00 -29.65 -8.57
CA LYS B 49 11.32 -28.78 -9.58
C LYS B 49 12.16 -27.53 -9.85
N PRO B 50 12.48 -26.66 -8.86
CA PRO B 50 13.30 -25.48 -9.13
C PRO B 50 14.71 -25.81 -9.65
N CYS B 51 15.25 -26.98 -9.27
CA CYS B 51 16.57 -27.46 -9.76
C CYS B 51 16.52 -27.71 -11.27
N GLU B 52 15.50 -28.45 -11.74
CA GLU B 52 15.24 -28.71 -13.19
C GLU B 52 15.14 -27.39 -13.94
N MET B 53 14.47 -26.39 -13.36
CA MET B 53 14.18 -25.08 -14.00
C MET B 53 15.38 -24.13 -13.86
N GLY B 54 16.34 -24.45 -13.00
CA GLY B 54 17.59 -23.69 -12.82
C GLY B 54 17.36 -22.36 -12.13
N VAL B 55 16.44 -22.33 -11.16
CA VAL B 55 16.05 -21.10 -10.40
C VAL B 55 16.29 -21.36 -8.90
N TYR B 56 16.22 -20.30 -8.09
CA TYR B 56 16.48 -20.31 -6.63
C TYR B 56 15.87 -21.55 -5.99
N PRO B 57 16.59 -22.29 -5.12
CA PRO B 57 17.97 -21.97 -4.74
C PRO B 57 19.08 -22.56 -5.63
N PHE B 58 18.76 -22.91 -6.88
CA PHE B 58 19.66 -23.67 -7.79
C PHE B 58 20.10 -22.80 -8.98
N MET B 59 20.15 -21.48 -8.83
CA MET B 59 20.70 -20.56 -9.87
C MET B 59 22.15 -20.98 -10.19
N PHE B 60 22.55 -20.89 -11.46
CA PHE B 60 23.87 -21.32 -12.00
C PHE B 60 24.05 -22.84 -11.94
N GLY B 61 23.03 -23.58 -11.48
CA GLY B 61 23.10 -25.01 -11.20
C GLY B 61 22.56 -25.85 -12.34
N SER B 62 22.74 -27.17 -12.26
CA SER B 62 22.23 -28.17 -13.23
C SER B 62 21.68 -29.39 -12.48
N ILE B 63 20.48 -29.84 -12.86
CA ILE B 63 19.83 -31.10 -12.36
C ILE B 63 20.79 -32.28 -12.56
N LYS B 64 21.65 -32.23 -13.58
CA LYS B 64 22.64 -33.29 -13.91
C LYS B 64 23.65 -33.42 -12.77
N ASP B 65 23.93 -32.32 -12.05
CA ASP B 65 24.89 -32.28 -10.92
C ASP B 65 24.17 -32.71 -9.63
N PHE B 66 22.93 -32.25 -9.41
CA PHE B 66 22.22 -32.35 -8.11
C PHE B 66 21.46 -33.68 -7.98
N GLU B 67 20.92 -34.21 -9.09
CA GLU B 67 20.13 -35.47 -9.10
C GLU B 67 20.97 -36.60 -8.51
N PRO B 68 22.21 -36.85 -9.01
CA PRO B 68 23.05 -37.91 -8.46
C PRO B 68 23.30 -37.75 -6.96
N VAL B 69 23.56 -36.51 -6.51
CA VAL B 69 23.85 -36.18 -5.08
C VAL B 69 22.60 -36.47 -4.23
N ALA B 70 21.43 -36.02 -4.69
CA ALA B 70 20.13 -36.22 -4.01
C ALA B 70 19.87 -37.71 -3.76
N GLN B 71 20.16 -38.56 -4.75
CA GLN B 71 19.94 -40.03 -4.67
C GLN B 71 20.84 -40.62 -3.57
N GLU B 72 22.10 -40.19 -3.51
CA GLU B 72 23.09 -40.66 -2.49
C GLU B 72 22.60 -40.26 -1.09
N ILE B 73 22.08 -39.04 -0.93
CA ILE B 73 21.54 -38.52 0.36
C ILE B 73 20.32 -39.36 0.76
N ILE B 74 19.39 -39.57 -0.18
CA ILE B 74 18.13 -40.37 0.01
C ILE B 74 18.51 -41.79 0.43
N LYS B 75 19.52 -42.38 -0.21
CA LYS B 75 19.99 -43.77 0.06
C LYS B 75 20.49 -43.89 1.51
N LYS B 76 21.06 -42.81 2.06
CA LYS B 76 21.56 -42.76 3.47
C LYS B 76 20.40 -42.43 4.42
N GLY B 77 19.26 -41.98 3.88
CA GLY B 77 18.02 -41.73 4.64
C GLY B 77 18.14 -40.50 5.53
N LEU B 78 18.99 -39.53 5.15
CA LEU B 78 19.24 -38.29 5.94
C LEU B 78 17.93 -37.52 6.10
N LYS B 79 17.72 -36.94 7.28
CA LYS B 79 16.48 -36.20 7.66
C LYS B 79 16.74 -35.38 8.92
N GLU B 80 15.82 -34.47 9.27
CA GLU B 80 15.88 -33.63 10.49
C GLU B 80 15.82 -34.53 11.73
N PRO B 81 16.65 -34.30 12.76
CA PRO B 81 17.67 -33.25 12.76
C PRO B 81 18.93 -33.66 11.97
N TYR B 82 19.38 -32.81 11.06
CA TYR B 82 20.54 -33.07 10.15
C TYR B 82 21.85 -32.92 10.92
N ASP B 83 22.83 -33.78 10.62
CA ASP B 83 24.27 -33.59 10.92
C ASP B 83 24.88 -32.81 9.76
N TRP B 84 25.22 -31.53 9.97
CA TRP B 84 25.54 -30.58 8.88
C TRP B 84 26.89 -30.94 8.23
N ASP B 85 27.82 -31.54 8.98
CA ASP B 85 29.10 -32.06 8.42
C ASP B 85 28.81 -33.25 7.51
N GLU B 86 28.02 -34.22 7.99
CA GLU B 86 27.60 -35.42 7.20
C GLU B 86 26.88 -34.94 5.93
N TYR B 87 25.92 -34.04 6.09
CA TYR B 87 25.07 -33.48 5.00
C TYR B 87 25.96 -32.78 3.96
N ALA B 88 26.78 -31.81 4.40
CA ALA B 88 27.63 -30.97 3.52
C ALA B 88 28.56 -31.86 2.69
N GLN B 89 29.20 -32.86 3.33
CA GLN B 89 30.19 -33.77 2.69
C GLN B 89 29.59 -34.47 1.48
N MET B 90 28.26 -34.69 1.45
CA MET B 90 27.56 -35.44 0.37
C MET B 90 27.69 -34.71 -0.97
N TYR B 91 27.92 -33.39 -0.93
CA TYR B 91 27.94 -32.50 -2.12
C TYR B 91 29.38 -32.31 -2.64
N PHE B 92 30.40 -32.60 -1.82
CA PHE B 92 31.81 -32.20 -2.09
C PHE B 92 32.37 -32.95 -3.30
N PRO B 93 32.21 -34.29 -3.42
CA PRO B 93 32.71 -34.99 -4.61
C PRO B 93 32.23 -34.36 -5.92
N LYS B 94 30.94 -34.03 -6.01
CA LYS B 94 30.32 -33.39 -7.20
C LYS B 94 30.89 -31.98 -7.39
N ALA B 95 30.94 -31.19 -6.31
CA ALA B 95 31.49 -29.81 -6.31
C ALA B 95 32.94 -29.83 -6.84
N GLU B 96 33.75 -30.78 -6.34
CA GLU B 96 35.18 -30.93 -6.71
C GLU B 96 35.29 -31.35 -8.18
N GLU B 97 34.49 -32.33 -8.60
CA GLU B 97 34.42 -32.83 -10.01
C GLU B 97 34.22 -31.64 -10.96
N LEU B 98 33.20 -30.81 -10.68
CA LEU B 98 32.82 -29.65 -11.53
C LEU B 98 33.97 -28.64 -11.59
N ALA B 99 34.58 -28.34 -10.44
CA ALA B 99 35.73 -27.40 -10.31
C ALA B 99 36.92 -27.91 -11.13
N LYS B 100 37.14 -29.22 -11.16
CA LYS B 100 38.25 -29.86 -11.92
C LYS B 100 37.97 -29.72 -13.42
N ILE B 101 36.72 -29.95 -13.86
CA ILE B 101 36.29 -29.79 -15.29
C ILE B 101 36.54 -28.33 -15.71
N ALA B 102 36.23 -27.37 -14.84
CA ALA B 102 36.40 -25.93 -15.08
C ALA B 102 37.88 -25.58 -15.25
N GLU B 103 38.75 -26.08 -14.36
CA GLU B 103 40.22 -25.89 -14.40
C GLU B 103 40.78 -26.41 -15.73
N GLU B 104 40.35 -27.61 -16.14
CA GLU B 104 40.76 -28.27 -17.41
C GLU B 104 40.32 -27.40 -18.61
N ALA B 105 39.09 -26.90 -18.57
CA ALA B 105 38.49 -26.04 -19.64
C ALA B 105 39.31 -24.74 -19.76
N GLU B 106 39.63 -24.10 -18.62
CA GLU B 106 40.38 -22.83 -18.56
C GLU B 106 41.79 -23.04 -19.15
N ALA B 107 42.45 -24.15 -18.79
CA ALA B 107 43.79 -24.54 -19.29
C ALA B 107 43.73 -24.76 -20.81
N ALA B 108 42.61 -25.27 -21.32
CA ALA B 108 42.37 -25.59 -22.75
C ALA B 108 41.95 -24.33 -23.52
N GLY B 109 41.67 -23.22 -22.82
CA GLY B 109 41.27 -21.93 -23.42
C GLY B 109 39.77 -21.86 -23.66
N GLU B 110 39.01 -22.79 -23.08
CA GLU B 110 37.52 -22.85 -23.18
C GLU B 110 36.92 -21.94 -22.09
N LYS B 111 36.90 -20.63 -22.33
CA LYS B 111 36.50 -19.57 -21.38
C LYS B 111 35.05 -19.79 -20.93
N GLU B 112 34.13 -19.95 -21.89
CA GLU B 112 32.66 -20.07 -21.65
C GLU B 112 32.37 -21.32 -20.80
N LYS B 113 32.98 -22.46 -21.17
CA LYS B 113 32.80 -23.76 -20.45
C LYS B 113 33.38 -23.67 -19.03
N ALA B 114 34.58 -23.08 -18.89
CA ALA B 114 35.25 -22.86 -17.59
C ALA B 114 34.32 -22.06 -16.67
N SER B 115 33.77 -20.97 -17.17
CA SER B 115 32.81 -20.09 -16.44
C SER B 115 31.62 -20.91 -15.95
N GLU B 116 30.98 -21.67 -16.86
CA GLU B 116 29.77 -22.48 -16.59
C GLU B 116 30.04 -23.45 -15.43
N TYR B 117 31.15 -24.18 -15.48
CA TYR B 117 31.45 -25.30 -14.54
C TYR B 117 31.91 -24.73 -13.18
N TYR B 118 32.65 -23.61 -13.18
CA TYR B 118 33.01 -22.88 -11.94
C TYR B 118 31.72 -22.49 -11.21
N LEU B 119 30.73 -21.97 -11.95
CA LEU B 119 29.45 -21.49 -11.36
C LEU B 119 28.59 -22.69 -10.94
N ARG B 120 28.58 -23.78 -11.72
CA ARG B 120 27.90 -25.06 -11.36
C ARG B 120 28.51 -25.58 -10.05
N SER B 121 29.84 -25.61 -9.96
CA SER B 121 30.58 -25.98 -8.72
C SER B 121 30.10 -25.11 -7.55
N SER B 122 30.00 -23.78 -7.76
CA SER B 122 29.59 -22.80 -6.73
C SER B 122 28.18 -23.12 -6.21
N ALA B 123 27.28 -23.57 -7.09
CA ALA B 123 25.89 -23.92 -6.76
C ALA B 123 25.85 -25.15 -5.86
N VAL B 124 26.72 -26.14 -6.11
CA VAL B 124 26.77 -27.42 -5.34
C VAL B 124 27.32 -27.14 -3.93
N TYR B 125 28.40 -26.33 -3.84
CA TYR B 125 28.96 -25.85 -2.56
C TYR B 125 27.89 -25.07 -1.80
N ARG B 126 27.14 -24.21 -2.51
CA ARG B 126 26.07 -23.35 -1.91
C ARG B 126 25.06 -24.22 -1.15
N ILE B 127 24.47 -25.20 -1.81
CA ILE B 127 23.36 -26.04 -1.24
C ILE B 127 23.91 -26.85 -0.05
N SER B 128 25.18 -27.23 -0.10
CA SER B 128 25.88 -27.98 0.98
C SER B 128 25.89 -27.17 2.28
N ARG B 129 25.84 -25.82 2.23
CA ARG B 129 25.89 -24.94 3.43
C ARG B 129 24.56 -24.20 3.62
N PHE B 130 23.49 -24.62 2.94
CA PHE B 130 22.10 -24.24 3.29
C PHE B 130 21.72 -24.99 4.57
N PRO B 131 20.86 -24.42 5.45
CA PRO B 131 20.28 -23.08 5.27
C PRO B 131 21.26 -21.93 5.59
N THR B 132 22.12 -22.12 6.57
CA THR B 132 23.25 -21.20 6.92
C THR B 132 24.39 -22.04 7.47
N PRO B 133 25.67 -21.65 7.27
CA PRO B 133 26.79 -22.46 7.75
C PRO B 133 26.79 -22.56 9.28
N ARG B 134 26.54 -23.77 9.81
CA ARG B 134 26.46 -24.07 11.26
C ARG B 134 27.36 -25.27 11.61
N SER B 135 28.37 -25.54 10.77
CA SER B 135 29.37 -26.61 10.98
C SER B 135 30.64 -26.26 10.21
N GLU B 136 31.76 -26.92 10.53
CA GLU B 136 33.09 -26.63 9.93
C GLU B 136 33.04 -26.88 8.42
N LYS B 137 32.40 -27.97 7.98
CA LYS B 137 32.34 -28.34 6.54
C LYS B 137 31.46 -27.32 5.79
N GLN B 138 30.40 -26.82 6.43
CA GLN B 138 29.51 -25.78 5.84
C GLN B 138 30.27 -24.46 5.73
N LYS B 139 31.04 -24.07 6.76
CA LYS B 139 31.90 -22.86 6.73
C LYS B 139 32.94 -23.01 5.61
N TYR B 140 33.55 -24.20 5.51
CA TYR B 140 34.50 -24.59 4.43
C TYR B 140 33.82 -24.42 3.07
N ALA B 141 32.58 -24.90 2.92
CA ALA B 141 31.79 -24.87 1.66
C ALA B 141 31.49 -23.42 1.26
N TRP B 142 31.25 -22.54 2.23
CA TRP B 142 31.06 -21.09 1.99
C TRP B 142 32.33 -20.51 1.36
N ARG B 143 33.50 -20.79 1.95
CA ARG B 143 34.81 -20.31 1.44
C ARG B 143 35.05 -20.89 0.03
N LYS B 144 34.85 -22.19 -0.15
CA LYS B 144 35.08 -22.90 -1.44
C LYS B 144 34.08 -22.38 -2.50
N GLY B 145 32.81 -22.23 -2.11
CA GLY B 145 31.74 -21.72 -2.98
C GLY B 145 32.07 -20.34 -3.55
N CYS B 146 32.55 -19.43 -2.70
CA CYS B 146 32.98 -18.06 -3.09
C CYS B 146 34.18 -18.14 -4.03
N GLU B 147 35.15 -19.02 -3.74
CA GLU B 147 36.39 -19.19 -4.54
C GLU B 147 36.00 -19.53 -5.98
N VAL B 148 35.19 -20.57 -6.19
CA VAL B 148 34.80 -21.07 -7.53
C VAL B 148 33.81 -20.07 -8.17
N PHE B 149 32.93 -19.45 -7.39
CA PHE B 149 31.97 -18.44 -7.92
C PHE B 149 32.76 -17.33 -8.63
N TYR B 150 33.75 -16.74 -7.96
CA TYR B 150 34.51 -15.56 -8.46
C TYR B 150 35.43 -15.97 -9.62
N LYS B 151 35.93 -17.22 -9.62
CA LYS B 151 36.67 -17.78 -10.79
C LYS B 151 35.75 -17.81 -12.01
N GLY B 152 34.52 -18.29 -11.84
CA GLY B 152 33.48 -18.32 -12.89
C GLY B 152 33.04 -16.91 -13.28
N ALA B 153 32.84 -16.03 -12.29
CA ALA B 153 32.42 -14.62 -12.48
C ALA B 153 33.48 -13.86 -13.30
N ALA B 154 34.77 -14.15 -13.08
CA ALA B 154 35.91 -13.49 -13.75
C ALA B 154 35.91 -13.83 -15.25
N LEU B 155 35.32 -14.98 -15.62
CA LEU B 155 35.31 -15.53 -16.99
C LEU B 155 33.96 -15.27 -17.69
N MET B 156 33.06 -14.50 -17.05
CA MET B 156 31.82 -14.01 -17.71
C MET B 156 32.23 -12.96 -18.76
N GLU B 157 31.45 -12.84 -19.85
CA GLU B 157 31.67 -11.83 -20.92
C GLU B 157 31.83 -10.45 -20.29
N TYR B 158 30.95 -10.13 -19.33
CA TYR B 158 31.00 -8.91 -18.47
C TYR B 158 31.27 -9.36 -17.04
N PRO B 159 32.56 -9.45 -16.63
CA PRO B 159 32.91 -10.09 -15.37
C PRO B 159 32.37 -9.36 -14.13
N ILE B 160 31.80 -10.11 -13.19
CA ILE B 160 31.40 -9.61 -11.85
C ILE B 160 32.63 -9.66 -10.95
N LYS B 161 32.91 -8.54 -10.26
CA LYS B 161 34.10 -8.36 -9.40
C LYS B 161 33.67 -8.43 -7.93
N GLU B 162 34.54 -8.92 -7.06
CA GLU B 162 34.44 -8.73 -5.59
C GLU B 162 35.08 -7.39 -5.23
N VAL B 163 34.40 -6.57 -4.42
CA VAL B 163 35.00 -5.36 -3.81
C VAL B 163 34.90 -5.50 -2.29
N ARG B 164 36.04 -5.41 -1.61
CA ARG B 164 36.14 -5.42 -0.13
C ARG B 164 36.02 -3.97 0.35
N ILE B 165 34.78 -3.50 0.52
CA ILE B 165 34.47 -2.10 0.92
C ILE B 165 34.99 -1.89 2.35
N PRO B 166 35.86 -0.88 2.59
CA PRO B 166 36.33 -0.62 3.95
C PRO B 166 35.14 -0.26 4.84
N HIS B 167 35.00 -0.96 5.98
CA HIS B 167 33.91 -0.75 6.97
C HIS B 167 34.33 0.37 7.93
N LYS B 168 34.39 1.60 7.44
CA LYS B 168 34.93 2.76 8.19
C LYS B 168 33.99 3.13 9.34
N HIS B 169 32.70 2.75 9.25
CA HIS B 169 31.66 2.99 10.29
C HIS B 169 31.64 1.84 11.31
N GLY B 170 32.48 0.82 11.14
CA GLY B 170 32.54 -0.34 12.06
C GLY B 170 32.93 0.06 13.47
N ILE B 171 32.40 -0.63 14.48
CA ILE B 171 32.77 -0.44 15.91
C ILE B 171 33.47 -1.71 16.39
N GLU B 172 33.84 -1.77 17.68
CA GLU B 172 34.60 -2.90 18.28
C GLU B 172 33.85 -4.21 18.03
N GLY B 173 34.57 -5.24 17.58
CA GLY B 173 34.04 -6.60 17.36
C GLY B 173 33.52 -6.79 15.95
N GLU B 174 33.50 -5.74 15.13
CA GLU B 174 33.00 -5.81 13.73
C GLU B 174 34.18 -6.00 12.78
N GLY B 175 33.94 -6.69 11.65
CA GLY B 175 34.92 -6.92 10.58
C GLY B 175 35.34 -5.60 9.95
N ASP B 176 36.49 -5.60 9.26
CA ASP B 176 37.12 -4.37 8.69
C ASP B 176 36.56 -4.08 7.29
N VAL B 177 35.87 -5.02 6.64
CA VAL B 177 35.36 -4.86 5.23
C VAL B 177 33.94 -5.38 5.08
N VAL B 178 33.21 -4.82 4.11
CA VAL B 178 31.91 -5.36 3.59
C VAL B 178 32.18 -5.90 2.18
N PRO B 179 32.45 -7.22 2.01
CA PRO B 179 32.65 -7.79 0.68
C PRO B 179 31.34 -7.78 -0.13
N VAL B 180 31.38 -7.22 -1.34
CA VAL B 180 30.20 -7.08 -2.22
C VAL B 180 30.55 -7.54 -3.65
N ASN B 181 29.55 -7.99 -4.40
CA ASN B 181 29.63 -8.12 -5.87
C ASN B 181 29.44 -6.73 -6.47
N PHE B 182 30.14 -6.44 -7.57
CA PHE B 182 30.05 -5.18 -8.33
C PHE B 182 30.07 -5.48 -9.83
N LEU B 183 29.11 -4.92 -10.56
CA LEU B 183 29.09 -4.97 -12.04
C LEU B 183 28.61 -3.62 -12.57
N LEU B 184 29.38 -3.03 -13.48
CA LEU B 184 29.00 -1.82 -14.25
C LEU B 184 28.63 -2.24 -15.67
N PRO B 185 27.65 -1.57 -16.30
CA PRO B 185 27.41 -1.76 -17.72
C PRO B 185 28.55 -1.08 -18.49
N PRO B 186 28.84 -1.50 -19.73
CA PRO B 186 29.97 -0.95 -20.49
C PRO B 186 29.85 0.55 -20.79
N ASN B 187 28.63 1.11 -20.79
CA ASN B 187 28.35 2.54 -21.11
C ASN B 187 28.67 3.45 -19.91
N ALA B 188 28.94 2.88 -18.73
CA ALA B 188 29.14 3.62 -17.46
C ALA B 188 30.56 4.18 -17.38
N SER B 189 30.68 5.47 -17.07
CA SER B 189 31.96 6.17 -16.82
C SER B 189 31.69 7.43 -15.97
N GLU B 190 32.77 8.10 -15.56
CA GLU B 190 32.71 9.37 -14.78
C GLU B 190 31.88 10.44 -15.53
N THR B 191 31.83 10.38 -16.87
CA THR B 191 31.12 11.39 -17.71
C THR B 191 29.76 10.86 -18.18
N SER B 192 29.45 9.59 -17.91
CA SER B 192 28.13 8.97 -18.22
C SER B 192 27.74 8.02 -17.08
N PRO B 193 27.46 8.56 -15.88
CA PRO B 193 27.14 7.73 -14.72
C PRO B 193 25.77 7.06 -14.88
N VAL B 194 25.59 5.91 -14.22
CA VAL B 194 24.39 5.03 -14.39
C VAL B 194 23.72 4.84 -13.03
N PRO B 195 22.42 4.49 -13.02
CA PRO B 195 21.74 4.06 -11.81
C PRO B 195 22.39 2.79 -11.23
N CYS B 196 22.14 2.54 -9.96
CA CYS B 196 22.66 1.36 -9.23
C CYS B 196 21.52 0.70 -8.44
N VAL B 197 21.32 -0.60 -8.66
CA VAL B 197 20.45 -1.43 -7.79
C VAL B 197 21.36 -2.10 -6.77
N LEU B 198 21.23 -1.68 -5.51
CA LEU B 198 21.88 -2.32 -4.34
C LEU B 198 21.00 -3.49 -3.92
N ILE B 199 21.44 -4.72 -4.21
CA ILE B 199 20.70 -5.96 -3.84
C ILE B 199 21.16 -6.38 -2.45
N ILE B 200 20.21 -6.48 -1.52
CA ILE B 200 20.44 -6.97 -0.14
C ILE B 200 19.89 -8.39 -0.06
N THR B 201 20.76 -9.35 0.25
CA THR B 201 20.50 -10.80 0.12
C THR B 201 19.77 -11.28 1.39
N GLY B 202 19.52 -12.59 1.49
CA GLY B 202 18.58 -13.15 2.48
C GLY B 202 19.26 -14.03 3.51
N LEU B 203 18.50 -14.94 4.11
CA LEU B 203 18.96 -15.80 5.23
C LEU B 203 19.88 -16.90 4.70
N ASP B 204 19.66 -17.37 3.46
CA ASP B 204 20.37 -18.53 2.87
C ASP B 204 20.99 -18.16 1.51
N GLY B 205 20.32 -17.33 0.72
CA GLY B 205 20.87 -16.76 -0.54
C GLY B 205 21.76 -15.56 -0.25
N TYR B 206 23.05 -15.66 -0.56
CA TYR B 206 24.08 -14.62 -0.30
C TYR B 206 24.49 -14.01 -1.65
N ARG B 207 25.59 -13.27 -1.71
CA ARG B 207 25.96 -12.48 -2.92
C ARG B 207 26.26 -13.42 -4.09
N THR B 208 26.70 -14.66 -3.81
CA THR B 208 27.01 -15.70 -4.83
C THR B 208 25.71 -16.22 -5.46
N GLU B 209 24.56 -16.02 -4.82
CA GLU B 209 23.22 -16.46 -5.32
C GLU B 209 22.54 -15.30 -6.07
N LEU B 210 22.38 -14.14 -5.44
CA LEU B 210 21.64 -13.00 -6.03
C LEU B 210 22.45 -12.42 -7.21
N ALA B 211 23.70 -12.83 -7.37
CA ALA B 211 24.56 -12.52 -8.55
C ALA B 211 23.80 -12.78 -9.85
N VAL B 212 22.86 -13.75 -9.84
CA VAL B 212 22.07 -14.17 -11.03
C VAL B 212 21.31 -12.97 -11.63
N TRP B 213 21.04 -11.92 -10.85
CA TRP B 213 20.29 -10.71 -11.29
C TRP B 213 21.19 -9.70 -12.02
N GLN B 214 22.51 -9.79 -11.86
CA GLN B 214 23.43 -8.66 -12.20
C GLN B 214 23.55 -8.46 -13.71
N GLN B 215 23.66 -9.54 -14.50
CA GLN B 215 23.81 -9.44 -15.99
C GLN B 215 22.54 -8.80 -16.57
N GLY B 216 21.36 -9.18 -16.06
CA GLY B 216 20.07 -8.59 -16.45
C GLY B 216 20.09 -7.08 -16.30
N TRP B 217 20.50 -6.58 -15.13
CA TRP B 217 20.58 -5.13 -14.84
C TRP B 217 21.65 -4.48 -15.74
N ARG B 218 22.79 -5.14 -15.92
CA ARG B 218 23.89 -4.68 -16.80
C ARG B 218 23.32 -4.42 -18.21
N SER B 219 22.49 -5.34 -18.72
CA SER B 219 21.89 -5.26 -20.08
C SER B 219 20.95 -4.05 -20.19
N LYS B 220 20.41 -3.54 -19.08
CA LYS B 220 19.48 -2.38 -19.04
C LYS B 220 20.24 -1.07 -18.75
N GLY B 221 21.57 -1.12 -18.62
CA GLY B 221 22.43 0.04 -18.35
C GLY B 221 22.43 0.40 -16.87
N VAL B 222 22.24 -0.59 -16.00
CA VAL B 222 22.13 -0.39 -14.53
C VAL B 222 23.27 -1.16 -13.84
N ALA B 223 24.01 -0.46 -12.97
CA ALA B 223 25.06 -1.05 -12.10
C ALA B 223 24.40 -1.87 -11.00
N THR B 224 25.09 -2.89 -10.49
CA THR B 224 24.63 -3.68 -9.32
C THR B 224 25.75 -3.75 -8.28
N VAL B 225 25.36 -3.62 -7.03
CA VAL B 225 26.18 -3.95 -5.81
C VAL B 225 25.35 -4.95 -5.00
N ILE B 226 25.96 -6.06 -4.59
CA ILE B 226 25.24 -7.10 -3.79
C ILE B 226 25.97 -7.29 -2.46
N ALA B 227 25.23 -7.11 -1.37
CA ALA B 227 25.75 -7.16 0.02
C ALA B 227 24.85 -8.08 0.85
N GLU B 228 25.45 -8.77 1.81
CA GLU B 228 24.75 -9.71 2.72
C GLU B 228 24.29 -8.97 3.97
N ILE B 229 23.23 -9.48 4.58
CA ILE B 229 22.67 -8.93 5.85
C ILE B 229 23.56 -9.39 7.02
N PRO B 230 23.54 -8.66 8.15
CA PRO B 230 24.28 -9.06 9.35
C PRO B 230 24.07 -10.55 9.70
N GLY B 231 25.15 -11.23 10.07
CA GLY B 231 25.13 -12.63 10.53
C GLY B 231 24.93 -13.63 9.41
N THR B 232 25.23 -13.23 8.17
CA THR B 232 25.23 -14.11 6.97
C THR B 232 26.45 -13.78 6.10
N GLY B 233 26.85 -14.73 5.25
CA GLY B 233 27.95 -14.56 4.28
C GLY B 233 29.19 -14.01 4.93
N ASP B 234 29.64 -12.83 4.49
CA ASP B 234 30.86 -12.15 5.01
C ASP B 234 30.51 -10.80 5.62
N SER B 235 29.25 -10.58 6.03
CA SER B 235 28.83 -9.34 6.71
C SER B 235 29.70 -9.13 7.95
N PRO B 236 30.32 -7.94 8.12
CA PRO B 236 31.12 -7.66 9.31
C PRO B 236 30.31 -7.20 10.53
N ALA B 237 28.99 -7.11 10.40
CA ALA B 237 28.08 -6.46 11.38
C ALA B 237 27.90 -7.34 12.62
N LEU B 238 27.82 -6.71 13.81
CA LEU B 238 27.43 -7.38 15.07
C LEU B 238 26.06 -8.02 14.89
N ARG B 239 25.93 -9.30 15.21
CA ARG B 239 24.70 -10.10 14.95
C ARG B 239 23.55 -9.61 15.85
N GLN B 240 23.82 -9.35 17.13
CA GLN B 240 22.79 -9.11 18.17
C GLN B 240 22.42 -7.62 18.26
N ASP B 241 23.15 -6.74 17.57
CA ASP B 241 22.97 -5.26 17.66
C ASP B 241 22.02 -4.81 16.56
N PRO B 242 20.79 -4.33 16.89
CA PRO B 242 19.84 -3.88 15.86
C PRO B 242 20.34 -2.72 14.99
N THR B 243 21.33 -1.94 15.46
CA THR B 243 21.88 -0.76 14.75
C THR B 243 23.07 -1.15 13.85
N SER B 244 23.55 -2.40 13.90
CA SER B 244 24.70 -2.88 13.11
C SER B 244 24.45 -2.75 11.60
N PRO B 245 23.25 -3.06 11.04
CA PRO B 245 23.02 -2.83 9.61
C PRO B 245 23.21 -1.36 9.22
N ASP B 246 22.83 -0.43 10.11
CA ASP B 246 22.89 1.04 9.84
C ASP B 246 24.33 1.44 9.53
N ARG B 247 25.28 0.99 10.35
CA ARG B 247 26.74 1.21 10.16
C ARG B 247 27.19 0.59 8.83
N GLN B 248 26.75 -0.64 8.55
CA GLN B 248 27.15 -1.37 7.31
C GLN B 248 26.72 -0.57 6.08
N TRP B 249 25.47 -0.09 6.03
CA TRP B 249 24.94 0.66 4.85
C TRP B 249 25.64 2.03 4.74
N SER B 250 26.03 2.64 5.86
CA SER B 250 26.82 3.90 5.84
C SER B 250 28.13 3.63 5.10
N SER B 251 28.81 2.52 5.39
CA SER B 251 30.08 2.13 4.73
C SER B 251 29.84 1.82 3.25
N VAL B 252 28.77 1.09 2.93
CA VAL B 252 28.47 0.67 1.53
C VAL B 252 28.11 1.92 0.70
N LEU B 253 27.22 2.78 1.22
CA LEU B 253 26.76 3.97 0.47
C LEU B 253 27.90 5.00 0.32
N ASP B 254 28.77 5.11 1.33
CA ASP B 254 30.02 5.93 1.23
C ASP B 254 30.81 5.45 0.01
N TRP B 255 30.98 4.13 -0.14
CA TRP B 255 31.76 3.54 -1.24
C TRP B 255 31.06 3.80 -2.58
N ILE B 256 29.76 3.53 -2.69
CA ILE B 256 29.00 3.71 -3.97
C ILE B 256 29.12 5.18 -4.39
N GLU B 257 29.00 6.12 -3.42
CA GLU B 257 29.07 7.57 -3.66
C GLU B 257 30.46 7.97 -4.19
N SER B 258 31.50 7.19 -3.88
CA SER B 258 32.90 7.42 -4.34
C SER B 258 33.10 6.88 -5.76
N GLN B 259 32.19 6.06 -6.28
CA GLN B 259 32.28 5.50 -7.65
C GLN B 259 31.63 6.49 -8.63
N LYS B 260 32.45 7.21 -9.39
CA LYS B 260 32.01 8.32 -10.29
C LYS B 260 31.10 7.77 -11.40
N ALA B 261 31.23 6.49 -11.76
CA ALA B 261 30.43 5.81 -12.81
C ALA B 261 29.00 5.54 -12.33
N VAL B 262 28.75 5.68 -11.03
CA VAL B 262 27.39 5.49 -10.44
C VAL B 262 26.78 6.87 -10.13
N ASP B 263 25.55 7.10 -10.59
CA ASP B 263 24.72 8.27 -10.21
C ASP B 263 24.17 8.00 -8.81
N SER B 264 24.77 8.66 -7.80
N SER B 264 24.74 8.63 -7.77
CA SER B 264 24.46 8.53 -6.35
CA SER B 264 24.38 8.39 -6.35
C SER B 264 23.02 8.96 -6.06
C SER B 264 23.06 9.07 -5.99
N LYS B 265 22.39 9.71 -6.97
CA LYS B 265 20.99 10.19 -6.83
C LYS B 265 20.02 9.11 -7.34
N LYS B 266 20.53 8.00 -7.90
CA LYS B 266 19.70 6.92 -8.48
C LYS B 266 20.14 5.57 -7.93
N ILE B 267 20.29 5.46 -6.61
CA ILE B 267 20.53 4.17 -5.90
C ILE B 267 19.17 3.62 -5.44
N VAL B 268 18.85 2.41 -5.87
CA VAL B 268 17.60 1.68 -5.49
C VAL B 268 18.03 0.44 -4.71
N ALA B 269 17.64 0.34 -3.44
CA ALA B 269 17.94 -0.83 -2.58
C ALA B 269 16.79 -1.83 -2.70
N TRP B 270 17.08 -3.04 -3.18
CA TRP B 270 16.08 -4.13 -3.32
C TRP B 270 16.49 -5.28 -2.39
N GLY B 271 15.75 -5.44 -1.29
CA GLY B 271 15.96 -6.51 -0.30
C GLY B 271 15.13 -7.73 -0.65
N PHE B 272 15.78 -8.90 -0.74
CA PHE B 272 15.15 -10.20 -1.05
C PHE B 272 14.94 -10.97 0.26
N SER B 273 13.70 -11.39 0.52
CA SER B 273 13.33 -12.25 1.67
C SER B 273 13.71 -11.53 2.96
N THR B 274 14.54 -12.11 3.82
CA THR B 274 15.03 -11.46 5.06
C THR B 274 15.66 -10.09 4.72
N GLY B 275 16.31 -9.97 3.55
CA GLY B 275 16.86 -8.71 3.03
C GLY B 275 15.82 -7.59 2.99
N GLY B 276 14.55 -7.94 2.80
CA GLY B 276 13.42 -6.99 2.78
C GLY B 276 13.33 -6.17 4.06
N TYR B 277 13.53 -6.79 5.23
CA TYR B 277 13.56 -6.09 6.53
C TYR B 277 14.59 -4.94 6.46
N TYR B 278 15.78 -5.23 5.93
CA TYR B 278 16.93 -4.30 5.88
C TYR B 278 16.67 -3.19 4.85
N ALA B 279 16.07 -3.52 3.71
CA ALA B 279 15.66 -2.53 2.69
C ALA B 279 14.64 -1.57 3.29
N LEU B 280 13.65 -2.08 4.01
CA LEU B 280 12.60 -1.24 4.66
C LEU B 280 13.25 -0.37 5.73
N ARG B 281 14.10 -0.95 6.57
CA ARG B 281 14.79 -0.22 7.66
C ARG B 281 15.59 0.94 7.05
N MET B 282 16.40 0.68 6.02
CA MET B 282 17.36 1.68 5.48
C MET B 282 16.62 2.77 4.68
N ALA B 283 15.37 2.54 4.27
CA ALA B 283 14.48 3.58 3.68
C ALA B 283 14.34 4.74 4.69
N HIS B 284 14.45 4.43 5.98
CA HIS B 284 14.31 5.41 7.10
C HIS B 284 15.71 5.90 7.51
N THR B 285 16.63 4.98 7.81
CA THR B 285 17.97 5.30 8.38
C THR B 285 18.83 6.05 7.35
N HIS B 286 18.64 5.76 6.05
CA HIS B 286 19.46 6.34 4.94
C HIS B 286 18.54 6.98 3.89
N LYS B 287 17.41 7.53 4.32
CA LYS B 287 16.38 8.15 3.44
C LYS B 287 17.04 9.05 2.40
N ASP B 288 17.94 9.94 2.82
CA ASP B 288 18.47 11.04 1.98
C ASP B 288 19.52 10.52 0.98
N ARG B 289 19.87 9.24 1.02
CA ARG B 289 20.95 8.66 0.18
C ARG B 289 20.38 7.62 -0.80
N LEU B 290 19.06 7.39 -0.77
CA LEU B 290 18.41 6.32 -1.56
C LEU B 290 17.23 6.90 -2.35
N LEU B 291 17.17 6.63 -3.65
CA LEU B 291 16.04 7.02 -4.52
C LEU B 291 14.80 6.24 -4.08
N ALA B 292 14.96 4.96 -3.76
CA ALA B 292 13.84 4.06 -3.38
C ALA B 292 14.39 2.81 -2.70
N THR B 293 13.55 2.13 -1.92
CA THR B 293 13.86 0.78 -1.42
C THR B 293 12.67 -0.14 -1.73
N ILE B 294 12.96 -1.42 -1.91
CA ILE B 294 11.95 -2.46 -2.20
C ILE B 294 12.16 -3.58 -1.18
N SER B 295 11.10 -3.91 -0.45
CA SER B 295 11.03 -5.11 0.42
C SER B 295 10.22 -6.18 -0.31
N LEU B 296 10.89 -7.24 -0.76
CA LEU B 296 10.22 -8.41 -1.39
C LEU B 296 10.27 -9.58 -0.41
N GLY B 297 9.12 -9.90 0.20
CA GLY B 297 9.00 -10.98 1.20
C GLY B 297 9.76 -10.66 2.46
N GLY B 298 9.81 -9.38 2.84
CA GLY B 298 10.43 -8.92 4.09
C GLY B 298 9.45 -8.96 5.24
N GLY B 299 9.95 -8.73 6.45
CA GLY B 299 9.15 -8.52 7.67
C GLY B 299 9.56 -7.23 8.35
N ALA B 300 9.00 -6.95 9.53
CA ALA B 300 9.19 -5.66 10.24
C ALA B 300 8.99 -5.82 11.76
N HIS B 301 8.10 -6.71 12.23
CA HIS B 301 7.60 -6.70 13.62
C HIS B 301 7.17 -8.10 14.08
N HIS B 302 6.10 -8.64 13.50
CA HIS B 302 5.50 -9.95 13.88
C HIS B 302 6.42 -11.11 13.50
N MET B 303 7.37 -10.90 12.59
CA MET B 303 8.42 -11.91 12.25
C MET B 303 9.25 -12.25 13.50
N PHE B 304 9.23 -11.40 14.53
CA PHE B 304 9.98 -11.56 15.80
C PHE B 304 9.08 -12.09 16.92
N ASP B 305 7.79 -12.35 16.63
CA ASP B 305 6.80 -12.83 17.63
C ASP B 305 7.17 -14.24 18.09
N ARG B 306 6.95 -14.54 19.38
CA ARG B 306 7.08 -15.90 19.96
C ARG B 306 6.18 -16.85 19.16
N GLU B 307 4.91 -16.48 18.97
CA GLU B 307 3.88 -17.33 18.31
C GLU B 307 4.35 -17.68 16.89
N TRP B 308 4.75 -16.68 16.10
CA TRP B 308 5.19 -16.90 14.69
C TRP B 308 6.42 -17.81 14.65
N LEU B 309 7.45 -17.49 15.43
CA LEU B 309 8.76 -18.19 15.40
C LEU B 309 8.60 -19.63 15.90
N GLU B 310 7.70 -19.87 16.86
CA GLU B 310 7.45 -21.20 17.47
C GLU B 310 6.75 -22.14 16.48
N HIS B 311 6.18 -21.62 15.38
CA HIS B 311 5.46 -22.41 14.34
C HIS B 311 6.26 -22.50 13.03
N ALA B 312 7.07 -21.49 12.70
CA ALA B 312 7.70 -21.32 11.37
C ALA B 312 8.71 -22.44 11.05
N ASN B 313 9.26 -23.13 12.07
CA ASN B 313 10.26 -24.21 11.87
C ASN B 313 9.66 -25.35 11.02
N LYS B 314 8.34 -25.53 11.04
CA LYS B 314 7.65 -26.71 10.43
C LYS B 314 6.87 -26.32 9.16
N LEU B 315 7.01 -25.08 8.68
CA LEU B 315 6.20 -24.58 7.53
C LEU B 315 7.03 -24.57 6.25
N GLU B 316 6.80 -23.63 5.32
CA GLU B 316 7.22 -23.75 3.90
C GLU B 316 8.75 -23.72 3.76
N TYR B 317 9.48 -23.09 4.68
CA TYR B 317 10.96 -22.99 4.63
C TYR B 317 11.55 -24.39 4.57
N PRO B 318 12.55 -24.67 3.70
CA PRO B 318 13.04 -26.04 3.50
C PRO B 318 13.58 -26.72 4.76
N PHE B 319 14.23 -25.97 5.65
CA PHE B 319 14.85 -26.48 6.91
C PHE B 319 14.18 -25.79 8.10
N ASP B 320 14.96 -25.36 9.10
CA ASP B 320 14.46 -24.85 10.40
C ASP B 320 14.60 -23.32 10.42
N LEU B 321 13.60 -22.61 9.86
CA LEU B 321 13.60 -21.14 9.63
C LEU B 321 13.96 -20.40 10.93
N SER B 322 13.20 -20.66 12.00
CA SER B 322 13.29 -19.93 13.29
C SER B 322 14.64 -20.14 13.96
N ASN B 323 15.16 -21.38 13.96
CA ASN B 323 16.50 -21.73 14.51
C ASN B 323 17.58 -21.03 13.68
N THR B 324 17.43 -21.00 12.35
CA THR B 324 18.37 -20.37 11.40
C THR B 324 18.39 -18.85 11.65
N LEU B 325 17.21 -18.23 11.82
CA LEU B 325 17.07 -16.79 12.16
C LEU B 325 17.83 -16.48 13.45
N ALA B 326 17.56 -17.25 14.50
CA ALA B 326 18.19 -17.12 15.85
C ALA B 326 19.71 -17.12 15.70
N TYR B 327 20.26 -18.06 14.92
CA TYR B 327 21.72 -18.20 14.67
C TYR B 327 22.23 -16.94 13.95
N LYS B 328 21.51 -16.50 12.92
CA LYS B 328 21.84 -15.30 12.10
C LYS B 328 21.85 -14.05 13.01
N PHE B 329 20.99 -13.99 14.02
CA PHE B 329 20.91 -12.86 15.00
C PHE B 329 21.87 -13.11 16.18
N GLY B 330 22.65 -14.19 16.14
CA GLY B 330 23.78 -14.44 17.04
C GLY B 330 23.36 -15.04 18.37
N TYR B 331 22.25 -15.78 18.39
CA TYR B 331 21.71 -16.46 19.60
C TYR B 331 21.97 -17.96 19.51
N PRO B 332 22.32 -18.61 20.64
CA PRO B 332 22.69 -20.03 20.65
C PRO B 332 21.53 -21.00 20.46
N ASP B 333 20.28 -20.54 20.67
CA ASP B 333 19.06 -21.36 20.51
C ASP B 333 17.87 -20.43 20.23
N LEU B 334 16.70 -21.01 19.91
CA LEU B 334 15.49 -20.26 19.52
C LEU B 334 14.95 -19.48 20.74
N GLU B 335 14.92 -20.10 21.92
CA GLU B 335 14.34 -19.50 23.15
C GLU B 335 15.11 -18.23 23.54
N SER B 336 16.45 -18.27 23.45
CA SER B 336 17.34 -17.11 23.75
C SER B 336 17.03 -15.96 22.79
N PHE B 337 16.79 -16.28 21.51
CA PHE B 337 16.43 -15.29 20.46
C PHE B 337 15.07 -14.67 20.80
N ILE B 338 14.05 -15.50 21.04
CA ILE B 338 12.64 -15.07 21.28
C ILE B 338 12.59 -14.13 22.50
N GLU B 339 13.42 -14.38 23.52
CA GLU B 339 13.47 -13.57 24.77
C GLU B 339 13.84 -12.11 24.45
N GLU B 340 14.67 -11.87 23.42
CA GLU B 340 15.21 -10.53 23.09
C GLU B 340 14.75 -10.03 21.72
N SER B 341 14.02 -10.85 20.94
CA SER B 341 13.73 -10.61 19.50
C SER B 341 12.94 -9.31 19.27
N SER B 342 12.16 -8.87 20.27
CA SER B 342 11.31 -7.64 20.21
C SER B 342 12.16 -6.41 19.84
N LYS B 343 13.44 -6.36 20.21
CA LYS B 343 14.30 -5.17 20.03
C LYS B 343 14.64 -4.95 18.55
N PHE B 344 14.47 -5.97 17.69
CA PHE B 344 14.75 -5.89 16.23
C PHE B 344 13.54 -5.35 15.47
N SER B 345 12.37 -5.30 16.11
CA SER B 345 11.12 -4.79 15.48
C SER B 345 11.32 -3.32 15.05
N LEU B 346 10.96 -2.99 13.81
CA LEU B 346 11.04 -1.61 13.26
C LEU B 346 9.91 -0.76 13.87
N LEU B 347 8.88 -1.39 14.45
CA LEU B 347 7.81 -0.69 15.21
C LEU B 347 8.35 -0.34 16.61
N ASN B 348 8.84 -1.35 17.33
CA ASN B 348 9.28 -1.21 18.76
C ASN B 348 10.45 -0.23 18.86
N ASP B 349 11.37 -0.21 17.89
CA ASP B 349 12.63 0.57 17.96
C ASP B 349 12.42 1.97 17.37
N GLY B 350 11.21 2.27 16.86
CA GLY B 350 10.81 3.63 16.44
C GLY B 350 11.14 3.94 14.98
N THR B 351 11.74 3.00 14.24
CA THR B 351 12.16 3.20 12.83
C THR B 351 10.97 3.65 11.98
N LEU B 352 9.83 2.97 12.10
CA LEU B 352 8.64 3.17 11.22
C LEU B 352 7.98 4.53 11.49
N GLN B 353 8.35 5.23 12.57
CA GLN B 353 7.82 6.59 12.88
C GLN B 353 8.60 7.64 12.09
N LYS B 354 9.78 7.30 11.59
CA LYS B 354 10.69 8.24 10.86
C LYS B 354 10.16 8.45 9.44
N PRO B 355 10.49 9.59 8.79
CA PRO B 355 10.25 9.74 7.36
C PRO B 355 11.03 8.66 6.60
N CYS B 356 10.54 8.26 5.43
CA CYS B 356 11.22 7.27 4.56
C CYS B 356 11.31 7.84 3.14
N THR B 357 12.28 7.36 2.37
CA THR B 357 12.34 7.55 0.90
C THR B 357 11.19 6.73 0.29
N LYS B 358 11.11 6.70 -1.04
CA LYS B 358 10.11 5.85 -1.76
C LYS B 358 10.29 4.41 -1.31
N VAL B 359 9.21 3.77 -0.86
CA VAL B 359 9.20 2.34 -0.44
C VAL B 359 8.15 1.59 -1.26
N LEU B 360 8.53 0.44 -1.80
CA LEU B 360 7.61 -0.55 -2.41
C LEU B 360 7.68 -1.85 -1.59
N LEU B 361 6.54 -2.27 -1.05
CA LEU B 361 6.37 -3.55 -0.32
C LEU B 361 5.65 -4.54 -1.22
N VAL B 362 6.23 -5.73 -1.44
CA VAL B 362 5.58 -6.82 -2.23
C VAL B 362 5.77 -8.14 -1.48
N ASN B 363 4.70 -8.92 -1.37
CA ASN B 363 4.75 -10.28 -0.78
C ASN B 363 3.48 -11.05 -1.10
N GLY B 364 3.58 -12.39 -1.08
CA GLY B 364 2.44 -13.32 -1.06
C GLY B 364 1.71 -13.25 0.26
N ASN B 365 0.38 -13.17 0.23
CA ASN B 365 -0.48 -13.07 1.43
C ASN B 365 -0.26 -14.27 2.36
N ASP B 366 0.01 -15.45 1.78
CA ASP B 366 0.01 -16.75 2.50
C ASP B 366 1.43 -17.13 2.92
N ASP B 367 2.34 -16.16 3.02
CA ASP B 367 3.76 -16.35 3.41
C ASP B 367 3.80 -17.02 4.79
N GLU B 368 4.56 -18.11 4.91
CA GLU B 368 4.74 -18.88 6.18
C GLU B 368 6.20 -18.77 6.65
N ILE B 369 6.96 -17.81 6.09
CA ILE B 369 8.35 -17.50 6.50
C ILE B 369 8.33 -16.21 7.31
N PHE B 370 7.75 -15.13 6.75
CA PHE B 370 7.39 -13.88 7.47
C PHE B 370 5.92 -13.57 7.20
N PRO B 371 5.17 -13.05 8.20
CA PRO B 371 3.74 -12.84 8.02
C PRO B 371 3.42 -11.63 7.14
N ILE B 372 2.38 -11.73 6.30
CA ILE B 372 1.85 -10.58 5.50
C ILE B 372 1.38 -9.49 6.48
N ASP B 373 1.07 -9.88 7.72
CA ASP B 373 0.70 -8.95 8.83
C ASP B 373 1.76 -7.84 8.96
N ASP B 374 3.01 -8.12 8.62
CA ASP B 374 4.11 -7.13 8.70
C ASP B 374 4.00 -6.11 7.57
N MET B 375 3.44 -6.47 6.41
CA MET B 375 3.10 -5.45 5.39
C MET B 375 2.10 -4.47 6.02
N PHE B 376 1.11 -4.98 6.75
CA PHE B 376 0.05 -4.13 7.38
C PHE B 376 0.73 -3.20 8.41
N VAL B 377 1.60 -3.72 9.26
CA VAL B 377 2.33 -2.90 10.29
C VAL B 377 3.10 -1.80 9.55
N SER B 378 3.75 -2.13 8.44
CA SER B 378 4.55 -1.18 7.62
C SER B 378 3.63 -0.08 7.07
N LEU B 379 2.39 -0.42 6.70
CA LEU B 379 1.40 0.53 6.13
C LEU B 379 0.61 1.24 7.23
N GLU B 380 0.79 0.85 8.49
CA GLU B 380 0.05 1.44 9.65
C GLU B 380 0.86 2.56 10.31
N ASN B 381 2.10 2.80 9.86
CA ASN B 381 3.07 3.69 10.55
C ASN B 381 3.77 4.61 9.55
N GLY B 382 3.98 5.87 9.94
CA GLY B 382 4.74 6.86 9.16
C GLY B 382 4.07 7.20 7.86
N GLN B 383 4.87 7.39 6.81
CA GLN B 383 4.41 7.94 5.51
C GLN B 383 3.78 6.80 4.70
N PRO B 384 2.86 7.14 3.76
CA PRO B 384 2.33 6.14 2.83
C PRO B 384 3.45 5.42 2.10
N LYS B 385 3.25 4.14 1.80
CA LYS B 385 4.21 3.30 1.05
C LYS B 385 3.46 2.63 -0.09
N LEU B 386 4.16 2.35 -1.19
CA LEU B 386 3.64 1.57 -2.32
C LEU B 386 3.56 0.11 -1.88
N ALA B 387 2.48 -0.58 -2.24
CA ALA B 387 2.27 -2.01 -1.87
C ALA B 387 1.62 -2.75 -3.04
N ARG B 388 2.10 -3.97 -3.30
CA ARG B 388 1.36 -5.00 -4.05
C ARG B 388 1.34 -6.26 -3.19
N MET B 389 0.14 -6.68 -2.77
CA MET B 389 -0.11 -7.99 -2.15
C MET B 389 -0.33 -9.00 -3.27
N VAL B 390 0.13 -10.25 -3.09
CA VAL B 390 -0.07 -11.33 -4.09
C VAL B 390 -0.93 -12.41 -3.42
N LYS B 391 -2.24 -12.39 -3.69
CA LYS B 391 -3.23 -13.31 -3.06
C LYS B 391 -2.96 -14.74 -3.50
N GLY B 392 -3.04 -15.69 -2.57
CA GLY B 392 -2.96 -17.14 -2.84
C GLY B 392 -1.55 -17.62 -3.12
N LYS B 393 -0.54 -16.79 -2.86
CA LYS B 393 0.89 -17.17 -3.00
C LYS B 393 1.58 -17.02 -1.65
N LYS B 394 2.64 -17.81 -1.43
CA LYS B 394 3.40 -17.82 -0.15
C LYS B 394 4.63 -16.91 -0.31
N HIS B 395 5.69 -17.16 0.46
CA HIS B 395 6.89 -16.29 0.54
C HIS B 395 7.32 -15.80 -0.84
N MET B 396 7.41 -14.48 -1.02
CA MET B 396 7.97 -13.76 -2.21
C MET B 396 6.88 -13.56 -3.29
N GLY B 397 5.74 -14.24 -3.20
CA GLY B 397 4.60 -14.08 -4.13
C GLY B 397 5.03 -14.20 -5.59
N GLU B 398 5.89 -15.15 -5.91
CA GLU B 398 6.41 -15.38 -7.29
C GLU B 398 5.37 -16.14 -8.09
N PRO B 399 5.34 -16.03 -9.44
CA PRO B 399 6.28 -15.19 -10.19
C PRO B 399 5.90 -13.70 -10.36
N GLU B 400 4.66 -13.33 -10.05
CA GLU B 400 4.11 -11.97 -10.35
C GLU B 400 4.97 -10.89 -9.67
N SER B 401 5.46 -11.16 -8.47
CA SER B 401 6.24 -10.19 -7.65
C SER B 401 7.41 -9.62 -8.46
N PHE B 402 8.14 -10.45 -9.20
CA PHE B 402 9.32 -10.01 -9.99
C PHE B 402 8.90 -9.07 -11.12
N SER B 403 7.79 -9.37 -11.80
CA SER B 403 7.22 -8.51 -12.87
C SER B 403 6.81 -7.15 -12.29
N ILE B 404 6.08 -7.17 -11.16
CA ILE B 404 5.63 -5.93 -10.45
C ILE B 404 6.85 -5.03 -10.18
N ILE B 405 7.91 -5.60 -9.60
CA ILE B 405 9.07 -4.82 -9.10
C ILE B 405 9.88 -4.30 -10.29
N LEU B 406 10.18 -5.15 -11.27
CA LEU B 406 10.94 -4.73 -12.49
C LEU B 406 10.15 -3.63 -13.22
N GLU B 407 8.84 -3.80 -13.40
CA GLU B 407 7.97 -2.77 -14.03
C GLU B 407 8.19 -1.43 -13.32
N TRP B 408 8.15 -1.45 -11.98
CA TRP B 408 8.24 -0.23 -11.15
C TRP B 408 9.64 0.40 -11.24
N ILE B 409 10.70 -0.41 -11.15
CA ILE B 409 12.11 0.10 -11.23
C ILE B 409 12.34 0.69 -12.62
N HIS B 410 11.87 0.03 -13.67
CA HIS B 410 11.99 0.51 -15.08
C HIS B 410 11.34 1.89 -15.20
N LYS B 411 10.15 2.08 -14.64
CA LYS B 411 9.43 3.37 -14.65
C LYS B 411 10.24 4.40 -13.86
N LEU B 412 10.71 4.02 -12.67
CA LEU B 412 11.47 4.89 -11.74
C LEU B 412 12.74 5.41 -12.43
N LEU B 413 13.47 4.56 -13.14
CA LEU B 413 14.82 4.86 -13.69
C LEU B 413 14.76 5.20 -15.19
N GLY B 414 13.56 5.15 -15.80
CA GLY B 414 13.37 5.43 -17.23
C GLY B 414 14.14 4.46 -18.11
N LEU B 415 14.06 3.16 -17.81
CA LEU B 415 14.71 2.08 -18.58
C LEU B 415 13.80 1.67 -19.74
N ASP B 416 14.18 0.62 -20.49
CA ASP B 416 13.57 0.28 -21.80
C ASP B 416 12.21 -0.40 -21.61
N GLY B 417 11.87 -0.83 -20.39
CA GLY B 417 10.58 -1.45 -20.03
C GLY B 417 10.46 -2.89 -20.51
N LYS B 418 11.54 -3.48 -21.00
CA LYS B 418 11.57 -4.85 -21.59
C LYS B 418 11.89 -5.87 -20.49
N ILE B 419 10.94 -6.06 -19.56
CA ILE B 419 11.15 -6.82 -18.29
C ILE B 419 11.07 -8.33 -18.59
N LYS B 420 10.26 -8.74 -19.56
CA LYS B 420 10.13 -10.17 -19.95
C LYS B 420 11.52 -10.68 -20.36
N GLU B 421 12.21 -9.94 -21.24
CA GLU B 421 13.59 -10.27 -21.73
C GLU B 421 14.55 -10.35 -20.53
N GLN B 422 14.43 -9.42 -19.58
CA GLN B 422 15.31 -9.37 -18.37
C GLN B 422 15.08 -10.62 -17.51
N LEU B 423 13.82 -10.95 -17.23
CA LEU B 423 13.45 -12.12 -16.37
C LEU B 423 13.87 -13.43 -17.07
N ALA B 424 13.86 -13.46 -18.41
CA ALA B 424 14.23 -14.64 -19.23
C ALA B 424 15.72 -14.99 -19.04
N MET B 425 16.54 -14.03 -18.60
CA MET B 425 18.00 -14.23 -18.38
C MET B 425 18.27 -14.92 -17.03
N ILE B 426 17.26 -15.07 -16.17
CA ILE B 426 17.43 -15.58 -14.77
C ILE B 426 17.61 -17.09 -14.75
N PRO B 427 16.71 -17.91 -15.36
CA PRO B 427 16.87 -19.37 -15.32
C PRO B 427 18.21 -19.84 -15.92
N SER B 428 18.88 -20.76 -15.22
CA SER B 428 20.19 -21.35 -15.59
C SER B 428 20.00 -22.45 -16.64
N ARG B 429 20.77 -22.40 -17.72
CA ARG B 429 20.76 -23.38 -18.84
C ARG B 429 22.16 -23.95 -19.01
N THR B 430 22.43 -25.09 -18.38
CA THR B 430 23.74 -25.81 -18.40
C THR B 430 23.70 -26.89 -19.49
C1 EDO C . -12.24 7.75 13.66
O1 EDO C . -12.09 9.14 13.85
C2 EDO C . -12.43 7.35 12.24
O2 EDO C . -12.69 8.44 11.38
C1 EDO D . -8.18 -10.12 1.66
O1 EDO D . -6.77 -10.15 1.55
C2 EDO D . -8.85 -9.56 0.45
O2 EDO D . -8.79 -10.44 -0.67
O1 QPI E . -15.09 16.67 6.21
C1 QPI E . -15.63 15.42 6.14
C2 QPI E . -15.36 14.51 7.18
C3 QPI E . -15.91 13.25 7.13
O2 QPI E . -15.67 12.35 8.11
C4 QPI E . -16.73 12.84 6.05
C5 QPI E . -17.31 11.55 5.98
C6 QPI E . -18.10 11.21 4.91
C7 QPI E . -18.36 12.13 3.89
C8 QPI E . -17.82 13.37 3.93
C9 QPI E . -17.00 13.77 5.02
C10 QPI E . -16.43 15.07 5.09
O1 QPI F . 16.05 -15.00 -7.39
C1 QPI F . 15.61 -15.28 -6.13
C2 QPI F . 14.39 -15.96 -5.99
C3 QPI F . 13.92 -16.26 -4.72
O2 QPI F . 12.75 -16.92 -4.55
C4 QPI F . 14.66 -15.89 -3.56
C5 QPI F . 14.20 -16.19 -2.25
C6 QPI F . 14.94 -15.82 -1.17
C7 QPI F . 16.15 -15.14 -1.34
C8 QPI F . 16.62 -14.84 -2.58
C9 QPI F . 15.88 -15.21 -3.72
C10 QPI F . 16.34 -14.91 -5.03
#